data_6ZZC
#
_entry.id   6ZZC
#
_cell.length_a   153.421
_cell.length_b   123.171
_cell.length_c   73.126
_cell.angle_alpha   90.000
_cell.angle_beta   107.903
_cell.angle_gamma   90.000
#
_symmetry.space_group_name_H-M   'C 1 2 1'
#
loop_
_entity.id
_entity.type
_entity.pdbx_description
1 polymer 'Centriole protein'
2 polymer MB_CrS6-1
3 non-polymer 'DODECAETHYLENE GLYCOL'
4 water water
#
loop_
_entity_poly.entity_id
_entity_poly.type
_entity_poly.pdbx_seq_one_letter_code
_entity_poly.pdbx_strand_id
1 'polypeptide(L)'
;GSPLLLDDGDPKAQTGFDLSTATTLFWRPVPVHVKQQDREDVLEELTFRILTGVAKQNHNLRILRIHISSDSDLFFLHTL
EVSEEDFQSLKNDQGILVDFASFPGKIISLLEKCILAQPGDSPRFQAVLTIRGGESVFKIVEINDEKQLPHITLAFRPGN
DSVVKQFLAFRLSEVKGTCHDLSDDLSRTRDDRDSMVAQLAQCRQQLAQLREQYDKHLLEVQAQAKT
;
A,B000,C
2 'polypeptide(L)'
;GSVSSVPTKLEVVAATPTSLLISWDAPAVTVVHYVITYGETGGYSGSFQKFKVPGSKSTATISGLKPGVDYTITVYAYDW
DSMYSPISINYRT
;
D,D0A0,F
#
# COMPACT_ATOMS: atom_id res chain seq x y z
N GLN A 14 -10.54 -3.71 24.60
CA GLN A 14 -10.55 -2.25 24.51
C GLN A 14 -10.42 -1.81 23.06
N THR A 15 -9.25 -2.07 22.46
CA THR A 15 -9.03 -1.71 21.07
C THR A 15 -9.82 -2.63 20.15
N GLY A 16 -10.34 -2.06 19.07
CA GLY A 16 -11.15 -2.79 18.12
C GLY A 16 -10.46 -4.01 17.51
N PHE A 17 -9.47 -3.76 16.64
CA PHE A 17 -8.80 -4.82 15.89
C PHE A 17 -7.73 -5.50 16.75
N ASP A 18 -7.50 -6.79 16.47
CA ASP A 18 -6.49 -7.59 17.17
C ASP A 18 -5.36 -7.87 16.19
N LEU A 19 -4.32 -7.03 16.23
CA LEU A 19 -3.16 -7.22 15.37
C LEU A 19 -2.27 -8.37 15.85
N SER A 20 -2.38 -8.77 17.11
CA SER A 20 -1.47 -9.78 17.66
C SER A 20 -1.62 -11.11 16.92
N THR A 21 -2.87 -11.53 16.65
CA THR A 21 -3.14 -12.79 15.97
C THR A 21 -3.66 -12.58 14.56
N ALA A 22 -3.31 -11.45 13.95
CA ALA A 22 -3.74 -11.16 12.59
C ALA A 22 -2.81 -11.83 11.59
N THR A 23 -3.33 -12.07 10.39
CA THR A 23 -2.59 -12.74 9.34
C THR A 23 -2.22 -11.75 8.24
N THR A 24 -0.93 -11.71 7.87
CA THR A 24 -0.43 -10.84 6.83
C THR A 24 -0.38 -11.60 5.51
N LEU A 25 -1.16 -11.14 4.52
CA LEU A 25 -1.25 -11.81 3.23
C LEU A 25 -0.48 -11.12 2.10
N PHE A 26 -0.29 -9.80 2.19
CA PHE A 26 0.47 -9.07 1.19
C PHE A 26 1.25 -7.97 1.91
N TRP A 27 2.56 -7.93 1.69
CA TRP A 27 3.41 -6.88 2.26
C TRP A 27 4.56 -6.66 1.28
N ARG A 28 4.36 -5.73 0.35
CA ARG A 28 5.33 -5.51 -0.71
C ARG A 28 5.19 -4.08 -1.19
N PRO A 29 6.28 -3.45 -1.63
CA PRO A 29 6.15 -2.13 -2.26
C PRO A 29 5.48 -2.22 -3.62
N VAL A 30 4.57 -1.29 -3.88
CA VAL A 30 3.84 -1.19 -5.16
C VAL A 30 3.91 0.26 -5.67
N PRO A 31 4.08 0.44 -6.98
CA PRO A 31 4.07 1.80 -7.55
C PRO A 31 2.68 2.42 -7.48
N VAL A 32 2.59 3.61 -6.88
CA VAL A 32 1.34 4.30 -6.61
C VAL A 32 1.46 5.75 -7.05
N HIS A 33 0.39 6.28 -7.66
CA HIS A 33 0.32 7.71 -8.02
C HIS A 33 -0.48 8.44 -6.94
N VAL A 34 0.16 9.43 -6.32
CA VAL A 34 -0.45 10.21 -5.24
C VAL A 34 -0.76 11.61 -5.75
N LYS A 35 -2.01 12.04 -5.55
CA LYS A 35 -2.48 13.35 -5.99
C LYS A 35 -2.97 14.15 -4.79
N GLN A 36 -2.47 15.37 -4.66
CA GLN A 36 -2.84 16.27 -3.58
C GLN A 36 -3.16 17.64 -4.18
N GLN A 37 -3.82 18.47 -3.37
CA GLN A 37 -4.26 19.79 -3.80
C GLN A 37 -3.08 20.71 -4.12
N ASP A 38 -1.91 20.45 -3.54
CA ASP A 38 -0.70 21.20 -3.91
C ASP A 38 -0.46 21.13 -5.41
N ARG A 39 -0.94 20.05 -6.06
CA ARG A 39 -0.80 19.74 -7.47
C ARG A 39 0.58 19.17 -7.82
N GLU A 40 1.28 18.62 -6.84
CA GLU A 40 2.62 18.08 -7.04
C GLU A 40 2.52 16.57 -7.34
N ASP A 41 1.92 16.26 -8.48
CA ASP A 41 1.68 14.86 -8.81
C ASP A 41 3.01 14.13 -8.95
N VAL A 42 3.14 13.00 -8.25
CA VAL A 42 4.38 12.23 -8.25
C VAL A 42 4.04 10.76 -8.15
N LEU A 43 4.94 9.93 -8.69
CA LEU A 43 4.86 8.48 -8.56
C LEU A 43 5.85 8.05 -7.49
N GLU A 44 5.33 7.47 -6.41
CA GLU A 44 6.15 7.01 -5.31
C GLU A 44 5.86 5.53 -5.06
N GLU A 45 6.86 4.80 -4.62
CA GLU A 45 6.70 3.39 -4.30
C GLU A 45 6.21 3.29 -2.85
N LEU A 46 4.99 2.81 -2.67
CA LEU A 46 4.37 2.76 -1.36
C LEU A 46 4.19 1.31 -0.94
N THR A 47 4.33 1.05 0.35
CA THR A 47 4.31 -0.29 0.90
C THR A 47 2.90 -0.59 1.38
N PHE A 48 2.29 -1.62 0.80
CA PHE A 48 0.94 -2.05 1.13
C PHE A 48 1.00 -3.30 1.98
N ARG A 49 0.35 -3.27 3.14
CA ARG A 49 0.24 -4.43 4.01
C ARG A 49 -1.24 -4.76 4.17
N ILE A 50 -1.61 -5.98 3.76
CA ILE A 50 -2.99 -6.45 3.81
C ILE A 50 -3.10 -7.48 4.93
N LEU A 51 -4.01 -7.23 5.87
CA LEU A 51 -4.13 -8.01 7.09
C LEU A 51 -5.57 -8.48 7.21
N THR A 52 -5.73 -9.77 7.50
CA THR A 52 -7.03 -10.34 7.85
C THR A 52 -6.98 -10.74 9.31
N GLY A 53 -7.96 -10.30 10.08
CA GLY A 53 -7.94 -10.58 11.49
C GLY A 53 -9.33 -10.52 12.08
N VAL A 54 -9.38 -10.57 13.41
CA VAL A 54 -10.63 -10.57 14.15
C VAL A 54 -10.53 -9.52 15.25
N ALA A 55 -11.69 -9.02 15.67
CA ALA A 55 -11.73 -8.03 16.73
C ALA A 55 -11.52 -8.69 18.09
N LYS A 56 -10.89 -7.95 19.00
CA LYS A 56 -10.67 -8.45 20.35
C LYS A 56 -11.95 -8.45 21.17
N GLN A 57 -12.96 -7.68 20.76
CA GLN A 57 -14.24 -7.71 21.45
C GLN A 57 -14.97 -9.03 21.23
N ASN A 58 -15.07 -9.47 19.98
CA ASN A 58 -15.78 -10.71 19.66
C ASN A 58 -14.98 -11.48 18.62
N HIS A 59 -14.84 -12.79 18.84
CA HIS A 59 -14.15 -13.62 17.86
C HIS A 59 -14.98 -13.81 16.59
N ASN A 60 -16.26 -13.41 16.59
CA ASN A 60 -17.13 -13.51 15.43
C ASN A 60 -17.04 -12.32 14.49
N LEU A 61 -16.56 -11.17 14.96
CA LEU A 61 -16.42 -10.02 14.11
C LEU A 61 -15.11 -10.13 13.32
N ARG A 62 -15.21 -10.04 12.00
CA ARG A 62 -14.11 -10.31 11.09
C ARG A 62 -13.70 -8.99 10.44
N ILE A 63 -12.41 -8.68 10.43
CA ILE A 63 -11.92 -7.42 9.91
C ILE A 63 -10.83 -7.64 8.88
N LEU A 64 -10.82 -6.78 7.86
CA LEU A 64 -9.74 -6.68 6.89
C LEU A 64 -9.21 -5.26 7.01
N ARG A 65 -7.90 -5.13 7.15
CA ARG A 65 -7.30 -3.81 7.23
C ARG A 65 -6.13 -3.74 6.26
N ILE A 66 -5.98 -2.58 5.63
CA ILE A 66 -4.90 -2.32 4.70
C ILE A 66 -4.15 -1.09 5.16
N HIS A 67 -2.82 -1.17 5.16
CA HIS A 67 -1.94 -0.09 5.55
C HIS A 67 -1.10 0.31 4.35
N ILE A 68 -1.11 1.59 4.02
CA ILE A 68 -0.26 2.16 2.98
C ILE A 68 0.76 3.03 3.70
N SER A 69 2.02 2.65 3.62
CA SER A 69 3.10 3.31 4.32
C SER A 69 4.23 3.60 3.34
N SER A 70 5.26 4.28 3.83
CA SER A 70 6.45 4.53 3.03
C SER A 70 7.67 4.15 3.86
N ASP A 71 8.56 3.35 3.28
CA ASP A 71 9.84 3.11 3.92
C ASP A 71 10.70 4.35 3.91
N SER A 72 10.45 5.29 2.99
CA SER A 72 11.16 6.55 2.94
C SER A 72 10.68 7.51 4.02
N ASP A 73 9.36 7.71 4.09
CA ASP A 73 8.75 8.59 5.08
C ASP A 73 8.04 7.69 6.10
N LEU A 74 8.61 7.58 7.30
CA LEU A 74 8.04 6.73 8.32
C LEU A 74 6.81 7.34 8.99
N PHE A 75 6.49 8.60 8.71
CA PHE A 75 5.30 9.25 9.25
C PHE A 75 4.14 9.26 8.26
N PHE A 76 4.28 8.60 7.11
CA PHE A 76 3.24 8.53 6.10
C PHE A 76 2.46 7.23 6.28
N LEU A 77 1.17 7.35 6.62
CA LEU A 77 0.34 6.18 6.82
C LEU A 77 -1.10 6.49 6.42
N HIS A 78 -1.68 5.58 5.63
CA HIS A 78 -3.09 5.63 5.27
C HIS A 78 -3.70 4.27 5.59
N THR A 79 -4.82 4.26 6.30
CA THR A 79 -5.37 3.05 6.86
C THR A 79 -6.78 2.78 6.36
N LEU A 80 -7.12 1.50 6.28
CA LEU A 80 -8.47 1.06 5.92
C LEU A 80 -8.85 -0.11 6.82
N GLU A 81 -10.02 -0.02 7.46
CA GLU A 81 -10.52 -1.09 8.32
C GLU A 81 -11.98 -1.36 7.98
N VAL A 82 -12.29 -2.61 7.63
CA VAL A 82 -13.65 -3.00 7.24
C VAL A 82 -14.02 -4.32 7.94
N SER A 83 -15.23 -4.37 8.48
CA SER A 83 -15.78 -5.59 9.07
C SER A 83 -16.48 -6.46 8.02
N GLU A 84 -16.95 -7.63 8.44
CA GLU A 84 -17.77 -8.44 7.55
C GLU A 84 -19.14 -7.81 7.33
N GLU A 85 -19.72 -7.21 8.39
CA GLU A 85 -21.05 -6.61 8.26
C GLU A 85 -21.05 -5.40 7.31
N ASP A 86 -20.22 -4.40 7.58
CA ASP A 86 -20.14 -3.23 6.71
C ASP A 86 -19.62 -3.59 5.32
N PHE A 87 -19.21 -4.85 5.09
CA PHE A 87 -18.77 -5.27 3.76
C PHE A 87 -19.87 -5.20 2.72
N GLN A 88 -21.14 -5.37 3.12
CA GLN A 88 -22.22 -5.22 2.14
C GLN A 88 -22.28 -3.82 1.55
N SER A 89 -21.98 -2.79 2.34
CA SER A 89 -22.02 -1.44 1.81
C SER A 89 -21.02 -1.25 0.67
N LEU A 90 -19.83 -1.86 0.78
CA LEU A 90 -18.81 -1.76 -0.26
C LEU A 90 -18.86 -2.88 -1.29
N LYS A 91 -19.64 -3.94 -1.07
CA LYS A 91 -19.72 -5.01 -2.06
C LYS A 91 -20.46 -4.51 -3.29
N ASN A 92 -21.64 -3.93 -3.08
CA ASN A 92 -22.36 -3.17 -4.07
C ASN A 92 -21.79 -1.76 -4.15
N ASP A 93 -21.97 -1.13 -5.31
CA ASP A 93 -21.50 0.24 -5.55
C ASP A 93 -19.98 0.40 -5.53
N GLN A 94 -19.24 -0.62 -5.12
CA GLN A 94 -17.77 -0.54 -5.07
C GLN A 94 -17.15 -1.79 -5.69
N GLY A 95 -16.72 -1.67 -6.94
CA GLY A 95 -15.91 -2.69 -7.58
C GLY A 95 -16.56 -4.02 -7.92
N ILE A 96 -15.69 -4.90 -8.45
CA ILE A 96 -16.04 -6.24 -8.90
C ILE A 96 -16.69 -7.09 -7.80
N LEU A 97 -17.60 -7.98 -8.23
CA LEU A 97 -18.35 -8.82 -7.30
C LEU A 97 -17.44 -9.88 -6.69
N VAL A 98 -17.33 -9.86 -5.35
CA VAL A 98 -16.50 -10.81 -4.62
C VAL A 98 -17.11 -10.97 -3.24
N ASP A 99 -16.78 -12.08 -2.58
CA ASP A 99 -17.20 -12.22 -1.19
C ASP A 99 -16.07 -11.68 -0.31
N PHE A 100 -16.38 -11.51 0.98
CA PHE A 100 -15.40 -10.98 1.91
C PHE A 100 -14.14 -11.84 1.95
N ALA A 101 -14.27 -13.14 1.68
CA ALA A 101 -13.13 -14.06 1.74
C ALA A 101 -12.16 -13.82 0.58
N SER A 102 -12.67 -13.77 -0.64
CA SER A 102 -11.80 -13.71 -1.82
C SER A 102 -11.46 -12.28 -2.24
N PHE A 103 -12.06 -11.28 -1.59
CA PHE A 103 -11.68 -9.89 -1.86
C PHE A 103 -10.18 -9.65 -1.66
N PRO A 104 -9.56 -10.12 -0.57
CA PRO A 104 -8.09 -10.02 -0.48
C PRO A 104 -7.36 -10.63 -1.65
N GLY A 105 -7.76 -11.82 -2.07
CA GLY A 105 -7.06 -12.48 -3.18
C GLY A 105 -7.08 -11.66 -4.46
N LYS A 106 -8.26 -11.19 -4.84
CA LYS A 106 -8.37 -10.43 -6.09
C LYS A 106 -7.67 -9.08 -5.98
N ILE A 107 -7.78 -8.41 -4.83
CA ILE A 107 -7.07 -7.14 -4.67
C ILE A 107 -5.56 -7.37 -4.75
N ILE A 108 -5.08 -8.49 -4.20
CA ILE A 108 -3.66 -8.83 -4.26
C ILE A 108 -3.25 -9.06 -5.70
N SER A 109 -4.08 -9.78 -6.47
CA SER A 109 -3.77 -10.00 -7.88
C SER A 109 -3.67 -8.67 -8.62
N LEU A 110 -4.61 -7.76 -8.36
CA LEU A 110 -4.58 -6.46 -9.01
C LEU A 110 -3.32 -5.68 -8.64
N LEU A 111 -2.94 -5.69 -7.35
CA LEU A 111 -1.73 -4.98 -6.95
C LEU A 111 -0.51 -5.58 -7.64
N GLU A 112 -0.42 -6.91 -7.69
CA GLU A 112 0.68 -7.56 -8.38
C GLU A 112 0.72 -7.15 -9.85
N LYS A 113 -0.46 -7.06 -10.49
CA LYS A 113 -0.50 -6.59 -11.87
C LYS A 113 0.02 -5.16 -11.96
N CYS A 114 -0.27 -4.33 -10.95
CA CYS A 114 0.27 -2.96 -10.93
C CYS A 114 1.79 -2.99 -10.87
N ILE A 115 2.36 -3.93 -10.13
CA ILE A 115 3.81 -3.98 -9.98
C ILE A 115 4.49 -4.33 -11.32
N LEU A 116 3.99 -5.35 -12.01
CA LEU A 116 4.56 -5.80 -13.28
C LEU A 116 3.90 -5.12 -14.48
N ALA A 117 3.74 -3.80 -14.40
CA ALA A 117 2.98 -3.03 -15.38
C ALA A 117 3.89 -2.14 -16.22
N GLN A 118 4.10 -2.51 -17.48
CA GLN A 118 4.81 -1.68 -18.43
C GLN A 118 3.83 -1.00 -19.38
N PRO A 119 4.25 0.09 -20.06
CA PRO A 119 3.33 0.73 -21.01
C PRO A 119 2.80 -0.19 -22.08
N GLY A 120 3.65 -1.07 -22.61
CA GLY A 120 3.22 -1.98 -23.66
C GLY A 120 2.23 -3.04 -23.21
N ASP A 121 2.06 -3.22 -21.90
CA ASP A 121 1.06 -4.15 -21.41
C ASP A 121 -0.31 -3.71 -21.91
N SER A 122 -1.05 -4.62 -22.53
CA SER A 122 -2.38 -4.23 -23.01
C SER A 122 -3.33 -3.87 -21.86
N PRO A 123 -3.51 -4.70 -20.81
CA PRO A 123 -4.24 -4.17 -19.63
C PRO A 123 -3.29 -3.47 -18.66
N ARG A 124 -2.83 -2.27 -19.03
CA ARG A 124 -1.92 -1.54 -18.15
C ARG A 124 -2.62 -1.17 -16.84
N PHE A 125 -2.59 -2.05 -15.84
CA PHE A 125 -3.21 -1.73 -14.57
C PHE A 125 -2.32 -0.78 -13.78
N GLN A 126 -2.91 0.28 -13.22
CA GLN A 126 -2.17 1.19 -12.36
C GLN A 126 -2.96 1.46 -11.08
N ALA A 127 -2.25 1.97 -10.10
CA ALA A 127 -2.79 2.26 -8.78
C ALA A 127 -2.62 3.74 -8.49
N VAL A 128 -3.68 4.39 -8.02
CA VAL A 128 -3.67 5.81 -7.73
C VAL A 128 -4.28 6.02 -6.36
N LEU A 129 -3.64 6.87 -5.56
CA LEU A 129 -4.13 7.27 -4.26
C LEU A 129 -4.32 8.77 -4.32
N THR A 130 -5.57 9.21 -4.16
CA THR A 130 -5.87 10.63 -4.18
C THR A 130 -6.12 11.06 -2.75
N ILE A 131 -5.34 12.02 -2.27
CA ILE A 131 -5.46 12.49 -0.90
C ILE A 131 -5.99 13.92 -0.98
N ARG A 132 -7.16 14.15 -0.41
CA ARG A 132 -7.78 15.47 -0.36
C ARG A 132 -8.07 15.77 1.11
N GLY A 133 -7.24 16.60 1.71
CA GLY A 133 -7.50 17.09 3.05
C GLY A 133 -7.57 16.03 4.12
N GLY A 134 -8.80 15.69 4.50
CA GLY A 134 -9.07 14.71 5.54
C GLY A 134 -9.27 13.28 5.06
N GLU A 135 -9.49 13.09 3.76
CA GLU A 135 -9.82 11.77 3.24
C GLU A 135 -8.95 11.44 2.04
N SER A 136 -8.77 10.15 1.80
CA SER A 136 -8.02 9.67 0.66
C SER A 136 -8.74 8.47 0.07
N VAL A 137 -8.77 8.41 -1.25
CA VAL A 137 -9.42 7.33 -1.99
C VAL A 137 -8.36 6.63 -2.82
N PHE A 138 -8.27 5.31 -2.69
CA PHE A 138 -7.34 4.50 -3.45
C PHE A 138 -8.12 3.70 -4.49
N LYS A 139 -7.67 3.76 -5.74
CA LYS A 139 -8.33 3.06 -6.83
C LYS A 139 -7.30 2.46 -7.76
N ILE A 140 -7.54 1.22 -8.17
CA ILE A 140 -6.76 0.55 -9.20
C ILE A 140 -7.55 0.63 -10.51
N VAL A 141 -6.90 1.09 -11.57
CA VAL A 141 -7.56 1.50 -12.80
C VAL A 141 -6.88 0.84 -14.00
N GLU A 142 -7.70 0.40 -14.95
CA GLU A 142 -7.25 -0.04 -16.26
C GLU A 142 -7.15 1.18 -17.17
N ILE A 143 -5.96 1.42 -17.75
CA ILE A 143 -5.71 2.69 -18.42
C ILE A 143 -5.17 2.56 -19.83
N ASN A 144 -5.84 1.77 -20.68
CA ASN A 144 -5.41 1.63 -22.07
C ASN A 144 -6.41 2.27 -23.02
N ASP A 145 -5.91 2.69 -24.19
CA ASP A 145 -6.68 3.44 -25.20
C ASP A 145 -7.66 4.44 -24.58
N GLU A 146 -7.11 5.30 -23.73
CA GLU A 146 -7.81 6.44 -23.13
C GLU A 146 -8.92 6.02 -22.15
N LYS A 147 -9.01 4.75 -21.81
CA LYS A 147 -9.98 4.33 -20.80
C LYS A 147 -9.40 4.52 -19.40
N GLN A 148 -10.28 4.85 -18.45
CA GLN A 148 -9.95 4.87 -17.02
C GLN A 148 -11.00 3.99 -16.35
N LEU A 149 -10.67 2.75 -16.06
CA LEU A 149 -11.68 1.83 -15.52
C LEU A 149 -11.34 1.37 -14.11
N PRO A 150 -12.08 1.83 -13.10
CA PRO A 150 -11.80 1.38 -11.73
C PRO A 150 -12.20 -0.06 -11.45
N HIS A 151 -11.21 -0.94 -11.35
CA HIS A 151 -11.47 -2.32 -10.94
C HIS A 151 -11.72 -2.40 -9.44
N ILE A 152 -11.03 -1.57 -8.66
CA ILE A 152 -11.21 -1.51 -7.22
C ILE A 152 -11.12 -0.03 -6.79
N THR A 153 -12.06 0.42 -5.97
CA THR A 153 -12.05 1.77 -5.41
C THR A 153 -12.26 1.67 -3.91
N LEU A 154 -11.28 2.16 -3.13
CA LEU A 154 -11.32 2.08 -1.68
C LEU A 154 -10.97 3.43 -1.05
N ALA A 155 -11.47 3.63 0.16
CA ALA A 155 -11.33 4.89 0.90
C ALA A 155 -10.40 4.68 2.09
N PHE A 156 -9.37 5.52 2.19
CA PHE A 156 -8.34 5.40 3.20
C PHE A 156 -8.28 6.64 4.09
N ARG A 157 -8.12 6.40 5.39
CA ARG A 157 -7.98 7.45 6.38
C ARG A 157 -6.52 7.81 6.56
N PRO A 158 -6.09 9.04 6.29
CA PRO A 158 -4.70 9.41 6.56
C PRO A 158 -4.41 9.29 8.05
N GLY A 159 -3.14 9.13 8.38
CA GLY A 159 -2.80 8.83 9.76
C GLY A 159 -2.76 10.02 10.69
N ASN A 160 -3.51 9.96 11.78
CA ASN A 160 -3.31 10.89 12.88
C ASN A 160 -2.07 10.48 13.68
N ASP A 161 -1.62 11.38 14.56
CA ASP A 161 -0.43 11.08 15.34
C ASP A 161 -0.60 9.83 16.19
N SER A 162 -1.82 9.58 16.67
CA SER A 162 -2.07 8.42 17.51
C SER A 162 -1.93 7.11 16.74
N VAL A 163 -2.58 7.00 15.59
CA VAL A 163 -2.57 5.74 14.87
C VAL A 163 -1.20 5.49 14.22
N VAL A 164 -0.55 6.55 13.74
CA VAL A 164 0.81 6.39 13.21
C VAL A 164 1.76 6.01 14.34
N LYS A 165 1.56 6.57 15.54
CA LYS A 165 2.36 6.17 16.69
C LYS A 165 2.18 4.68 17.00
N GLN A 166 0.93 4.22 17.03
CA GLN A 166 0.68 2.80 17.27
C GLN A 166 1.28 1.92 16.19
N PHE A 167 1.21 2.37 14.93
CA PHE A 167 1.80 1.62 13.83
C PHE A 167 3.31 1.53 13.97
N LEU A 168 3.95 2.66 14.30
CA LEU A 168 5.39 2.67 14.53
C LEU A 168 5.76 1.72 15.66
N ALA A 169 4.99 1.72 16.74
CA ALA A 169 5.28 0.81 17.86
C ALA A 169 5.15 -0.64 17.43
N PHE A 170 4.09 -0.95 16.66
CA PHE A 170 3.90 -2.32 16.19
C PHE A 170 5.09 -2.76 15.33
N ARG A 171 5.55 -1.88 14.43
CA ARG A 171 6.68 -2.26 13.58
C ARG A 171 7.98 -2.36 14.38
N LEU A 172 8.12 -1.54 15.43
CA LEU A 172 9.31 -1.62 16.27
C LEU A 172 9.37 -2.94 17.02
N SER A 173 8.25 -3.36 17.62
CA SER A 173 8.22 -4.66 18.29
C SER A 173 8.50 -5.78 17.28
N GLU A 174 7.96 -5.63 16.07
CA GLU A 174 8.19 -6.60 15.01
C GLU A 174 9.67 -6.78 14.75
N VAL A 175 10.36 -5.66 14.50
CA VAL A 175 11.77 -5.69 14.17
C VAL A 175 12.58 -6.23 15.34
N LYS A 176 12.18 -5.88 16.57
CA LYS A 176 12.89 -6.42 17.74
C LYS A 176 12.81 -7.94 17.78
N GLY A 177 11.63 -8.50 17.49
CA GLY A 177 11.51 -9.95 17.51
C GLY A 177 12.32 -10.61 16.41
N THR A 178 12.27 -10.03 15.20
CA THR A 178 13.06 -10.59 14.10
C THR A 178 14.55 -10.57 14.43
N CYS A 179 15.02 -9.50 15.08
CA CYS A 179 16.45 -9.38 15.36
C CYS A 179 16.88 -10.30 16.49
N HIS A 180 16.02 -10.51 17.48
CA HIS A 180 16.33 -11.50 18.51
C HIS A 180 16.43 -12.90 17.91
N ASP A 181 15.53 -13.23 16.98
CA ASP A 181 15.65 -14.51 16.28
C ASP A 181 16.97 -14.60 15.52
N LEU A 182 17.38 -13.50 14.89
CA LEU A 182 18.65 -13.50 14.17
C LEU A 182 19.83 -13.72 15.12
N SER A 183 19.76 -13.16 16.32
CA SER A 183 20.83 -13.37 17.30
C SER A 183 20.92 -14.83 17.73
N ASP A 184 19.77 -15.47 17.97
CA ASP A 184 19.79 -16.90 18.26
C ASP A 184 20.43 -17.69 17.12
N ASP A 185 20.03 -17.38 15.88
CA ASP A 185 20.60 -18.09 14.75
C ASP A 185 22.11 -17.84 14.62
N LEU A 186 22.56 -16.64 14.96
CA LEU A 186 23.99 -16.33 14.90
C LEU A 186 24.78 -17.16 15.90
N SER A 187 24.28 -17.24 17.14
CA SER A 187 24.95 -18.09 18.12
C SER A 187 25.00 -19.54 17.65
N ARG A 188 23.89 -20.04 17.08
CA ARG A 188 23.90 -21.42 16.60
C ARG A 188 24.90 -21.63 15.46
N THR A 189 24.92 -20.72 14.49
CA THR A 189 25.84 -20.89 13.36
C THR A 189 27.29 -20.80 13.82
N ARG A 190 27.58 -19.92 14.78
CA ARG A 190 28.93 -19.84 15.34
C ARG A 190 29.31 -21.16 16.01
N ASP A 191 28.38 -21.77 16.73
CA ASP A 191 28.66 -23.07 17.33
C ASP A 191 28.92 -24.11 16.26
N ASP A 192 28.11 -24.12 15.20
CA ASP A 192 28.30 -25.07 14.11
C ASP A 192 29.66 -24.87 13.45
N ARG A 193 30.07 -23.62 13.24
CA ARG A 193 31.36 -23.36 12.61
C ARG A 193 32.52 -23.76 13.51
N ASP A 194 32.39 -23.54 14.82
CA ASP A 194 33.42 -24.02 15.73
C ASP A 194 33.54 -25.55 15.69
N SER A 195 32.40 -26.24 15.66
CA SER A 195 32.44 -27.69 15.53
C SER A 195 33.07 -28.11 14.20
N MET A 196 32.78 -27.39 13.12
CA MET A 196 33.33 -27.76 11.83
C MET A 196 34.84 -27.54 11.77
N VAL A 197 35.33 -26.45 12.35
CA VAL A 197 36.78 -26.22 12.35
C VAL A 197 37.48 -27.26 13.22
N ALA A 198 36.83 -27.68 14.33
CA ALA A 198 37.45 -28.71 15.15
C ALA A 198 37.52 -30.03 14.38
N GLN A 199 36.47 -30.36 13.64
CA GLN A 199 36.49 -31.57 12.83
C GLN A 199 37.52 -31.48 11.71
N LEU A 200 37.70 -30.28 11.16
CA LEU A 200 38.73 -30.05 10.16
C LEU A 200 40.13 -30.30 10.73
N ALA A 201 40.38 -29.80 11.94
CA ALA A 201 41.67 -30.04 12.58
C ALA A 201 41.90 -31.53 12.81
N GLN A 202 40.86 -32.23 13.26
CA GLN A 202 40.94 -33.67 13.47
C GLN A 202 41.30 -34.39 12.18
N CYS A 203 40.61 -34.05 11.09
CA CYS A 203 40.89 -34.69 9.80
C CYS A 203 42.31 -34.42 9.33
N ARG A 204 42.76 -33.16 9.43
CA ARG A 204 44.10 -32.86 8.95
C ARG A 204 45.14 -33.58 9.79
N GLN A 205 44.91 -33.69 11.10
CA GLN A 205 45.87 -34.41 11.94
C GLN A 205 45.97 -35.87 11.49
N GLN A 206 44.83 -36.51 11.25
CA GLN A 206 44.85 -37.90 10.79
C GLN A 206 45.52 -38.03 9.43
N LEU A 207 45.28 -37.05 8.54
CA LEU A 207 45.89 -37.10 7.21
C LEU A 207 47.41 -36.99 7.30
N ALA A 208 47.90 -36.11 8.17
CA ALA A 208 49.34 -36.01 8.38
C ALA A 208 49.91 -37.31 8.93
N GLN A 209 49.22 -37.93 9.89
CA GLN A 209 49.67 -39.21 10.43
C GLN A 209 49.75 -40.27 9.33
N LEU A 210 48.72 -40.32 8.47
CA LEU A 210 48.70 -41.34 7.43
C LEU A 210 49.78 -41.10 6.39
N ARG A 211 50.04 -39.83 6.05
CA ARG A 211 51.13 -39.53 5.13
C ARG A 211 52.48 -39.93 5.73
N GLU A 212 52.65 -39.72 7.04
CA GLU A 212 53.85 -40.19 7.72
C GLU A 212 54.01 -41.70 7.59
N GLN A 213 52.94 -42.44 7.90
CA GLN A 213 53.02 -43.91 7.83
C GLN A 213 53.30 -44.37 6.41
N TYR A 214 52.70 -43.71 5.42
CA TYR A 214 52.92 -44.09 4.02
C TYR A 214 54.36 -43.84 3.60
N ASP A 215 54.94 -42.72 4.05
CA ASP A 215 56.33 -42.42 3.69
C ASP A 215 57.29 -43.37 4.39
N LYS A 216 56.99 -43.73 5.64
CA LYS A 216 57.81 -44.73 6.33
C LYS A 216 57.73 -46.08 5.64
N HIS A 217 56.53 -46.49 5.22
CA HIS A 217 56.35 -47.73 4.49
C HIS A 217 57.13 -47.70 3.17
N LEU A 218 57.06 -46.58 2.46
CA LEU A 218 57.79 -46.45 1.20
C LEU A 218 59.29 -46.56 1.41
N LEU A 219 59.83 -45.90 2.45
CA LEU A 219 61.25 -45.99 2.72
C LEU A 219 61.66 -47.39 3.17
N GLU A 220 60.79 -48.09 3.90
CA GLU A 220 61.10 -49.45 4.33
C GLU A 220 61.17 -50.39 3.12
N VAL A 221 60.20 -50.28 2.21
CA VAL A 221 60.21 -51.11 1.01
C VAL A 221 61.42 -50.76 0.14
N GLN A 222 61.75 -49.47 0.06
CA GLN A 222 62.87 -49.04 -0.77
C GLN A 222 64.19 -49.66 -0.31
N ALA A 223 64.33 -49.92 0.98
CA ALA A 223 65.53 -50.56 1.50
C ALA A 223 65.46 -52.08 1.33
N GLY B 16 18.35 22.94 18.56
CA GLY B 16 17.93 21.55 18.38
C GLY B 16 19.08 20.57 18.50
N PHE B 17 18.84 19.48 19.22
CA PHE B 17 19.90 18.50 19.49
C PHE B 17 20.09 17.60 18.27
N ASP B 18 21.34 17.20 18.06
CA ASP B 18 21.71 16.33 16.94
C ASP B 18 22.14 14.98 17.50
N LEU B 19 21.22 14.01 17.45
CA LEU B 19 21.51 12.66 17.91
C LEU B 19 22.54 11.95 17.05
N SER B 20 22.76 12.44 15.81
CA SER B 20 23.68 11.77 14.90
C SER B 20 25.09 11.69 15.49
N THR B 21 25.55 12.77 16.11
CA THR B 21 26.90 12.80 16.68
C THR B 21 26.88 12.73 18.20
N ALA B 22 25.83 12.18 18.80
CA ALA B 22 25.76 12.09 20.25
C ALA B 22 26.37 10.78 20.76
N THR B 23 26.83 10.83 22.01
CA THR B 23 27.40 9.69 22.69
C THR B 23 26.50 9.26 23.84
N THR B 24 26.21 7.97 23.92
CA THR B 24 25.34 7.41 24.95
C THR B 24 26.16 6.94 26.14
N LEU B 25 25.90 7.53 27.31
CA LEU B 25 26.66 7.23 28.52
C LEU B 25 25.96 6.25 29.45
N PHE B 26 24.63 6.26 29.49
CA PHE B 26 23.87 5.31 30.29
C PHE B 26 22.59 4.95 29.54
N TRP B 27 22.35 3.64 29.37
CA TRP B 27 21.12 3.17 28.74
C TRP B 27 20.79 1.80 29.31
N ARG B 28 20.04 1.79 30.40
CA ARG B 28 19.71 0.58 31.14
C ARG B 28 18.39 0.78 31.85
N PRO B 29 17.62 -0.29 32.08
CA PRO B 29 16.44 -0.17 32.95
C PRO B 29 16.85 0.16 34.38
N VAL B 30 16.08 1.04 35.01
CA VAL B 30 16.35 1.51 36.37
C VAL B 30 15.11 1.27 37.23
N PRO B 31 15.26 0.80 38.46
CA PRO B 31 14.09 0.65 39.34
C PRO B 31 13.57 2.02 39.77
N VAL B 32 12.31 2.28 39.45
CA VAL B 32 11.66 3.55 39.75
C VAL B 32 10.25 3.28 40.26
N HIS B 33 9.86 4.02 41.29
CA HIS B 33 8.50 3.98 41.80
C HIS B 33 7.72 5.15 41.20
N VAL B 34 6.70 4.85 40.40
CA VAL B 34 5.95 5.88 39.69
C VAL B 34 4.58 6.00 40.35
N LYS B 35 4.22 7.20 40.76
CA LYS B 35 2.96 7.45 41.45
C LYS B 35 2.21 8.50 40.65
N GLN B 36 0.95 8.21 40.31
CA GLN B 36 0.16 9.12 39.49
C GLN B 36 -1.21 9.32 40.13
N GLN B 37 -1.86 10.43 39.76
CA GLN B 37 -3.16 10.74 40.31
C GLN B 37 -4.27 9.83 39.78
N ASP B 38 -4.14 9.34 38.54
CA ASP B 38 -5.16 8.49 37.94
C ASP B 38 -5.06 7.03 38.34
N ARG B 39 -3.85 6.54 38.60
CA ARG B 39 -3.60 5.15 38.93
C ARG B 39 -2.84 5.09 40.26
N GLU B 40 -2.86 3.93 40.91
CA GLU B 40 -2.26 3.88 42.23
C GLU B 40 -0.79 3.49 42.18
N ASP B 41 -0.16 3.55 43.36
CA ASP B 41 1.28 3.42 43.49
C ASP B 41 1.79 2.05 43.02
N VAL B 42 2.82 2.08 42.17
CA VAL B 42 3.44 0.87 41.63
C VAL B 42 4.93 1.11 41.47
N LEU B 43 5.70 0.03 41.58
CA LEU B 43 7.13 0.03 41.27
C LEU B 43 7.33 -0.67 39.93
N GLU B 44 7.82 0.07 38.94
CA GLU B 44 8.08 -0.49 37.63
C GLU B 44 9.53 -0.19 37.21
N GLU B 45 10.09 -1.09 36.42
CA GLU B 45 11.46 -0.96 35.92
C GLU B 45 11.45 -0.13 34.65
N LEU B 46 12.04 1.06 34.70
CA LEU B 46 12.02 2.04 33.61
C LEU B 46 13.43 2.21 33.04
N THR B 47 13.47 2.47 31.72
CA THR B 47 14.73 2.55 30.99
C THR B 47 15.17 4.01 30.89
N PHE B 48 16.35 4.32 31.42
CA PHE B 48 16.91 5.66 31.40
C PHE B 48 18.04 5.72 30.38
N ARG B 49 17.97 6.69 29.46
CA ARG B 49 19.02 6.91 28.48
C ARG B 49 19.57 8.32 28.64
N ILE B 50 20.86 8.41 28.95
CA ILE B 50 21.55 9.69 29.16
C ILE B 50 22.51 9.90 28.00
N LEU B 51 22.38 11.04 27.32
CA LEU B 51 23.14 11.34 26.11
C LEU B 51 23.84 12.68 26.25
N THR B 52 25.11 12.72 25.87
CA THR B 52 25.89 13.96 25.78
C THR B 52 26.20 14.24 24.31
N GLY B 53 25.89 15.44 23.86
CA GLY B 53 26.11 15.79 22.47
C GLY B 53 26.19 17.29 22.29
N VAL B 54 26.22 17.69 21.01
CA VAL B 54 26.32 19.09 20.63
C VAL B 54 25.27 19.39 19.58
N ALA B 55 24.95 20.69 19.45
CA ALA B 55 23.93 21.18 18.54
C ALA B 55 24.40 21.25 17.10
N LYS B 56 23.45 21.05 16.18
CA LYS B 56 23.72 21.18 14.75
C LYS B 56 23.80 22.64 14.32
N GLN B 57 23.20 23.55 15.08
CA GLN B 57 23.35 24.98 14.82
C GLN B 57 24.76 25.45 15.15
N ASN B 58 25.29 25.03 16.29
CA ASN B 58 26.65 25.34 16.70
C ASN B 58 27.27 24.07 17.25
N HIS B 59 28.36 23.62 16.62
CA HIS B 59 29.05 22.42 17.05
C HIS B 59 29.89 22.63 18.31
N ASN B 60 30.07 23.88 18.75
CA ASN B 60 30.74 24.16 20.02
C ASN B 60 29.76 24.21 21.19
N LEU B 61 28.47 24.37 20.93
CA LEU B 61 27.45 24.43 21.97
C LEU B 61 27.05 23.02 22.43
N ARG B 62 27.01 22.83 23.75
CA ARG B 62 26.82 21.52 24.37
C ARG B 62 25.43 21.38 24.98
N ILE B 63 24.78 20.24 24.69
CA ILE B 63 23.46 19.94 25.23
C ILE B 63 23.50 18.51 25.77
N LEU B 64 22.76 18.27 26.85
CA LEU B 64 22.60 16.94 27.44
C LEU B 64 21.13 16.55 27.43
N ARG B 65 20.84 15.30 27.05
CA ARG B 65 19.46 14.82 26.98
C ARG B 65 19.29 13.53 27.77
N ILE B 66 18.14 13.43 28.47
CA ILE B 66 17.78 12.25 29.26
C ILE B 66 16.39 11.80 28.82
N HIS B 67 16.25 10.49 28.58
CA HIS B 67 14.98 9.89 28.19
C HIS B 67 14.57 8.80 29.18
N ILE B 68 13.33 8.87 29.66
CA ILE B 68 12.71 7.80 30.46
C ILE B 68 11.64 7.13 29.61
N SER B 69 11.82 5.85 29.31
CA SER B 69 10.92 5.06 28.51
C SER B 69 10.63 3.75 29.23
N SER B 70 9.77 2.93 28.65
CA SER B 70 9.47 1.61 29.18
C SER B 70 9.54 0.60 28.05
N ASP B 71 10.22 -0.52 28.29
CA ASP B 71 10.18 -1.62 27.33
C ASP B 71 8.82 -2.29 27.28
N SER B 72 8.02 -2.18 28.35
CA SER B 72 6.66 -2.71 28.35
C SER B 72 5.72 -1.76 27.63
N ASP B 73 5.75 -0.48 27.98
CA ASP B 73 4.90 0.54 27.37
C ASP B 73 5.75 1.39 26.44
N LEU B 74 5.60 1.18 25.14
CA LEU B 74 6.36 1.94 24.15
C LEU B 74 5.83 3.35 23.96
N PHE B 75 4.70 3.70 24.58
CA PHE B 75 4.13 5.02 24.49
C PHE B 75 4.50 5.90 25.69
N PHE B 76 5.35 5.40 26.58
CA PHE B 76 5.77 6.12 27.77
C PHE B 76 7.09 6.81 27.48
N LEU B 77 7.09 8.15 27.50
CA LEU B 77 8.29 8.91 27.21
C LEU B 77 8.30 10.19 28.03
N HIS B 78 9.41 10.42 28.74
CA HIS B 78 9.63 11.67 29.47
C HIS B 78 11.04 12.16 29.16
N THR B 79 11.15 13.41 28.72
CA THR B 79 12.41 13.95 28.21
C THR B 79 12.85 15.17 29.00
N LEU B 80 14.17 15.32 29.12
CA LEU B 80 14.81 16.49 29.71
C LEU B 80 16.05 16.79 28.90
N GLU B 81 16.18 18.04 28.45
CA GLU B 81 17.36 18.48 27.73
C GLU B 81 17.80 19.82 28.29
N VAL B 82 19.08 19.94 28.62
CA VAL B 82 19.62 21.12 29.27
C VAL B 82 20.83 21.64 28.51
N SER B 83 20.90 22.96 28.35
CA SER B 83 22.09 23.61 27.82
C SER B 83 23.08 23.86 28.96
N GLU B 84 24.28 24.32 28.61
CA GLU B 84 25.26 24.64 29.64
C GLU B 84 24.87 25.88 30.45
N GLU B 85 24.28 26.89 29.79
CA GLU B 85 23.88 28.12 30.48
C GLU B 85 22.76 27.84 31.48
N ASP B 86 21.65 27.29 30.99
CA ASP B 86 20.61 26.97 31.95
C ASP B 86 21.02 25.84 32.90
N PHE B 87 22.09 25.11 32.58
CA PHE B 87 22.67 24.24 33.60
C PHE B 87 23.35 25.04 34.70
N GLN B 88 23.93 26.20 34.36
CA GLN B 88 24.45 27.06 35.42
C GLN B 88 23.29 27.52 36.30
N SER B 89 22.16 27.82 35.65
CA SER B 89 20.96 28.19 36.39
C SER B 89 20.49 27.05 37.28
N LEU B 90 20.63 25.80 36.82
CA LEU B 90 20.20 24.68 37.65
C LEU B 90 21.26 24.28 38.67
N LYS B 91 22.49 24.76 38.47
CA LYS B 91 23.54 24.58 39.45
C LYS B 91 23.22 25.42 40.67
N ASN B 92 22.73 26.63 40.46
CA ASN B 92 22.21 27.38 41.60
C ASN B 92 20.83 26.89 42.04
N ASP B 93 20.04 26.28 41.16
CA ASP B 93 18.71 25.84 41.57
C ASP B 93 18.71 24.57 42.41
N GLN B 94 19.75 23.74 42.31
CA GLN B 94 19.78 22.50 43.08
C GLN B 94 21.11 22.29 43.78
N GLY B 95 21.94 23.32 43.88
CA GLY B 95 23.17 23.22 44.64
C GLY B 95 24.22 22.31 44.04
N ILE B 96 24.24 22.16 42.70
CA ILE B 96 25.27 21.36 42.07
C ILE B 96 26.63 21.94 42.41
N LEU B 97 27.61 21.06 42.61
CA LEU B 97 28.97 21.44 43.01
C LEU B 97 29.98 20.75 42.12
N VAL B 98 29.61 20.58 40.85
CA VAL B 98 30.41 19.88 39.86
C VAL B 98 30.12 20.55 38.51
N ASP B 99 30.95 20.26 37.52
CA ASP B 99 30.77 20.93 36.24
C ASP B 99 29.74 20.23 35.37
N PHE B 100 29.37 20.92 34.30
CA PHE B 100 28.43 20.38 33.32
C PHE B 100 28.92 19.06 32.73
N ALA B 101 30.24 18.88 32.65
CA ALA B 101 30.80 17.68 32.04
C ALA B 101 30.56 16.46 32.92
N SER B 102 30.85 16.56 34.22
CA SER B 102 30.81 15.41 35.11
C SER B 102 29.44 15.19 35.77
N PHE B 103 28.49 16.10 35.54
CA PHE B 103 27.13 15.88 36.05
C PHE B 103 26.54 14.54 35.63
N PRO B 104 26.64 14.10 34.36
CA PRO B 104 26.17 12.75 34.02
C PRO B 104 26.75 11.70 34.95
N GLY B 105 28.04 11.79 35.26
CA GLY B 105 28.63 10.80 36.14
C GLY B 105 27.89 10.71 37.46
N LYS B 106 27.64 11.87 38.07
CA LYS B 106 26.92 11.81 39.34
C LYS B 106 25.54 11.21 39.13
N ILE B 107 24.87 11.60 38.04
CA ILE B 107 23.54 11.06 37.79
C ILE B 107 23.62 9.55 37.64
N ILE B 108 24.60 9.06 36.88
CA ILE B 108 24.66 7.61 36.70
C ILE B 108 24.97 6.95 38.03
N SER B 109 25.87 7.54 38.83
CA SER B 109 26.15 6.95 40.13
C SER B 109 24.88 6.90 40.96
N LEU B 110 24.11 7.99 40.94
CA LEU B 110 22.86 8.00 41.71
C LEU B 110 21.93 6.89 41.21
N LEU B 111 21.80 6.79 39.88
CA LEU B 111 20.96 5.74 39.32
C LEU B 111 21.51 4.37 39.70
N GLU B 112 22.84 4.21 39.65
CA GLU B 112 23.43 2.93 40.03
C GLU B 112 23.07 2.58 41.46
N LYS B 113 23.07 3.57 42.35
CA LYS B 113 22.72 3.32 43.74
C LYS B 113 21.28 2.80 43.84
N CYS B 114 20.38 3.34 43.01
CA CYS B 114 19.03 2.81 42.96
C CYS B 114 19.00 1.40 42.39
N ILE B 115 19.86 1.12 41.40
CA ILE B 115 19.86 -0.19 40.76
C ILE B 115 20.31 -1.28 41.73
N LEU B 116 21.37 -1.00 42.49
CA LEU B 116 21.90 -1.96 43.46
C LEU B 116 21.31 -1.75 44.84
N ALA B 117 20.00 -1.47 44.93
CA ALA B 117 19.32 -1.07 46.16
C ALA B 117 18.40 -2.18 46.63
N GLN B 118 18.69 -2.72 47.81
CA GLN B 118 17.87 -3.74 48.46
C GLN B 118 17.43 -3.28 49.84
N PRO B 119 16.42 -3.95 50.43
CA PRO B 119 15.98 -3.54 51.78
C PRO B 119 17.08 -3.51 52.82
N GLY B 120 18.12 -4.33 52.69
CA GLY B 120 19.19 -4.30 53.67
C GLY B 120 20.12 -3.11 53.54
N ASP B 121 20.05 -2.39 52.42
CA ASP B 121 20.87 -1.21 52.23
C ASP B 121 20.56 -0.12 53.26
N SER B 122 21.61 0.36 53.94
CA SER B 122 21.46 1.49 54.86
C SER B 122 21.11 2.79 54.14
N PRO B 123 21.77 3.16 53.02
CA PRO B 123 21.38 4.42 52.38
C PRO B 123 20.04 4.32 51.68
N ARG B 124 19.68 3.13 51.21
CA ARG B 124 18.43 2.89 50.51
C ARG B 124 18.17 4.01 49.51
N PHE B 125 19.02 4.03 48.48
CA PHE B 125 18.88 4.98 47.39
C PHE B 125 17.74 4.51 46.51
N GLN B 126 16.83 5.43 46.22
CA GLN B 126 15.57 5.13 45.56
C GLN B 126 15.30 6.12 44.44
N ALA B 127 14.48 5.70 43.51
CA ALA B 127 14.05 6.56 42.41
C ALA B 127 12.52 6.59 42.40
N VAL B 128 11.95 7.79 42.37
CA VAL B 128 10.50 7.95 42.32
C VAL B 128 10.16 9.05 41.32
N LEU B 129 9.19 8.78 40.45
CA LEU B 129 8.71 9.72 39.44
C LEU B 129 7.19 9.91 39.56
N THR B 130 6.76 11.13 39.85
CA THR B 130 5.34 11.46 39.93
C THR B 130 4.90 12.36 38.77
N ILE B 131 3.84 11.95 38.06
CA ILE B 131 3.31 12.68 36.90
C ILE B 131 1.96 13.26 37.29
N ARG B 132 1.82 14.59 37.19
CA ARG B 132 0.54 15.25 37.51
C ARG B 132 0.04 16.11 36.33
N GLY B 133 -0.31 15.47 35.23
CA GLY B 133 -1.01 16.14 34.15
C GLY B 133 -0.25 17.26 33.45
N GLY B 134 0.84 16.91 32.79
CA GLY B 134 1.67 17.87 32.10
C GLY B 134 3.00 18.10 32.77
N GLU B 135 3.12 17.74 34.04
CA GLU B 135 4.36 17.97 34.78
C GLU B 135 4.74 16.67 35.46
N SER B 136 6.04 16.40 35.46
CA SER B 136 6.58 15.20 36.08
C SER B 136 7.94 15.55 36.67
N VAL B 137 8.18 15.10 37.89
CA VAL B 137 9.45 15.31 38.56
C VAL B 137 10.02 13.95 38.94
N PHE B 138 11.27 13.73 38.60
CA PHE B 138 12.00 12.52 38.93
C PHE B 138 12.98 12.85 40.04
N LYS B 139 13.02 12.02 41.09
CA LYS B 139 13.84 12.32 42.25
C LYS B 139 14.52 11.05 42.75
N ILE B 140 15.82 11.13 42.96
CA ILE B 140 16.62 10.08 43.61
C ILE B 140 16.88 10.50 45.05
N VAL B 141 16.58 9.62 46.00
CA VAL B 141 16.52 10.01 47.41
C VAL B 141 17.32 9.04 48.29
N GLU B 142 18.01 9.62 49.28
CA GLU B 142 18.63 8.90 50.40
C GLU B 142 17.64 8.77 51.55
N ILE B 143 17.45 7.57 52.06
CA ILE B 143 16.40 7.28 53.04
C ILE B 143 17.05 6.66 54.27
N ASN B 144 17.55 7.49 55.16
CA ASN B 144 18.13 7.06 56.43
C ASN B 144 17.06 7.19 57.52
N ASP B 145 16.74 6.09 58.19
CA ASP B 145 15.62 6.02 59.14
C ASP B 145 14.37 6.47 58.38
N GLU B 146 13.71 7.57 58.77
CA GLU B 146 12.63 8.14 57.97
C GLU B 146 13.03 9.38 57.20
N LYS B 147 14.08 10.09 57.62
CA LYS B 147 14.53 11.27 56.91
C LYS B 147 14.83 10.93 55.45
N GLN B 148 14.47 11.84 54.56
CA GLN B 148 14.56 11.65 53.11
C GLN B 148 15.31 12.82 52.48
N LEU B 149 16.50 12.58 51.96
CA LEU B 149 17.28 13.66 51.36
C LEU B 149 17.41 13.43 49.87
N PRO B 150 16.73 14.21 49.02
CA PRO B 150 16.87 14.05 47.56
C PRO B 150 18.21 14.58 47.08
N HIS B 151 19.05 13.67 46.56
CA HIS B 151 20.35 14.09 46.03
C HIS B 151 20.20 14.87 44.73
N ILE B 152 19.24 14.51 43.88
CA ILE B 152 18.98 15.23 42.64
C ILE B 152 17.48 15.25 42.40
N THR B 153 16.97 16.41 42.00
CA THR B 153 15.56 16.60 41.63
C THR B 153 15.52 17.26 40.26
N LEU B 154 14.89 16.60 39.30
CA LEU B 154 14.84 17.08 37.93
C LEU B 154 13.41 17.10 37.43
N ALA B 155 13.15 17.99 36.48
CA ALA B 155 11.81 18.20 35.94
C ALA B 155 11.76 17.71 34.50
N PHE B 156 10.81 16.81 34.22
CA PHE B 156 10.71 16.17 32.91
C PHE B 156 9.35 16.51 32.31
N ARG B 157 9.34 16.88 31.03
CA ARG B 157 8.09 17.11 30.32
C ARG B 157 7.62 15.83 29.67
N PRO B 158 6.46 15.29 30.06
CA PRO B 158 5.98 14.06 29.42
C PRO B 158 5.76 14.26 27.93
N GLY B 159 5.81 13.15 27.20
CA GLY B 159 5.79 13.20 25.75
C GLY B 159 4.39 13.33 25.18
N ASN B 160 4.19 14.33 24.34
CA ASN B 160 3.00 14.34 23.51
C ASN B 160 3.13 13.30 22.40
N ASP B 161 2.02 13.03 21.71
CA ASP B 161 2.04 12.00 20.68
C ASP B 161 3.04 12.31 19.57
N SER B 162 3.28 13.60 19.29
CA SER B 162 4.22 13.94 18.22
C SER B 162 5.65 13.55 18.59
N VAL B 163 6.10 13.92 19.79
CA VAL B 163 7.48 13.63 20.15
C VAL B 163 7.65 12.14 20.41
N VAL B 164 6.62 11.47 20.96
CA VAL B 164 6.69 10.02 21.13
C VAL B 164 6.76 9.34 19.77
N LYS B 165 6.04 9.87 18.78
CA LYS B 165 6.11 9.34 17.42
C LYS B 165 7.52 9.49 16.85
N GLN B 166 8.11 10.67 16.99
CA GLN B 166 9.48 10.88 16.51
C GLN B 166 10.47 9.97 17.22
N PHE B 167 10.27 9.77 18.54
CA PHE B 167 11.15 8.87 19.31
C PHE B 167 11.06 7.44 18.81
N LEU B 168 9.83 6.96 18.57
CA LEU B 168 9.66 5.62 18.01
C LEU B 168 10.31 5.49 16.64
N ALA B 169 10.21 6.53 15.81
CA ALA B 169 10.84 6.45 14.48
C ALA B 169 12.35 6.35 14.59
N PHE B 170 12.96 7.19 15.43
CA PHE B 170 14.41 7.15 15.59
C PHE B 170 14.87 5.79 16.11
N ARG B 171 14.16 5.28 17.12
CA ARG B 171 14.53 4.03 17.74
C ARG B 171 14.33 2.85 16.79
N LEU B 172 13.33 2.90 15.92
CA LEU B 172 13.18 1.87 14.90
C LEU B 172 14.34 1.92 13.92
N SER B 173 14.76 3.13 13.52
CA SER B 173 15.93 3.23 12.66
C SER B 173 17.17 2.64 13.34
N GLU B 174 17.34 2.88 14.64
CA GLU B 174 18.47 2.27 15.35
C GLU B 174 18.39 0.75 15.29
N VAL B 175 17.24 0.18 15.66
CA VAL B 175 17.15 -1.27 15.71
C VAL B 175 17.42 -1.86 14.34
N LYS B 176 16.89 -1.20 13.30
CA LYS B 176 17.09 -1.67 11.94
C LYS B 176 18.57 -1.65 11.55
N GLY B 177 19.28 -0.59 11.91
CA GLY B 177 20.68 -0.52 11.54
C GLY B 177 21.53 -1.55 12.27
N THR B 178 21.32 -1.67 13.58
CA THR B 178 22.05 -2.69 14.33
C THR B 178 21.71 -4.08 13.82
N CYS B 179 20.47 -4.28 13.38
CA CYS B 179 20.04 -5.58 12.91
C CYS B 179 20.66 -5.91 11.58
N HIS B 180 20.83 -4.90 10.72
CA HIS B 180 21.54 -5.13 9.47
C HIS B 180 23.01 -5.46 9.72
N ASP B 181 23.63 -4.80 10.71
CA ASP B 181 25.00 -5.16 11.07
C ASP B 181 25.09 -6.61 11.53
N LEU B 182 24.13 -7.04 12.35
CA LEU B 182 24.10 -8.43 12.78
C LEU B 182 23.87 -9.37 11.61
N SER B 183 23.06 -8.94 10.63
CA SER B 183 22.81 -9.77 9.46
C SER B 183 24.08 -9.95 8.64
N ASP B 184 24.85 -8.88 8.48
CA ASP B 184 26.15 -9.00 7.82
C ASP B 184 27.04 -9.98 8.58
N ASP B 185 27.12 -9.86 9.90
CA ASP B 185 27.97 -10.78 10.66
C ASP B 185 27.48 -12.22 10.52
N LEU B 186 26.15 -12.42 10.46
CA LEU B 186 25.60 -13.76 10.28
C LEU B 186 25.96 -14.33 8.93
N SER B 187 25.83 -13.52 7.87
CA SER B 187 26.26 -13.96 6.55
C SER B 187 27.75 -14.31 6.56
N ARG B 188 28.55 -13.51 7.25
CA ARG B 188 30.00 -13.75 7.31
C ARG B 188 30.29 -15.09 7.97
N THR B 189 29.65 -15.35 9.10
CA THR B 189 29.86 -16.63 9.80
C THR B 189 29.35 -17.80 8.96
N ARG B 190 28.23 -17.62 8.26
CA ARG B 190 27.73 -18.69 7.40
C ARG B 190 28.73 -19.00 6.29
N ASP B 191 29.33 -17.96 5.70
CA ASP B 191 30.35 -18.17 4.68
C ASP B 191 31.57 -18.87 5.27
N ASP B 192 32.01 -18.45 6.46
CA ASP B 192 33.13 -19.13 7.11
C ASP B 192 32.82 -20.60 7.34
N ARG B 193 31.59 -20.91 7.73
CA ARG B 193 31.19 -22.29 7.95
C ARG B 193 31.20 -23.08 6.65
N ASP B 194 30.76 -22.45 5.56
CA ASP B 194 30.82 -23.10 4.25
C ASP B 194 32.26 -23.37 3.83
N SER B 195 33.16 -22.42 4.07
CA SER B 195 34.58 -22.62 3.78
C SER B 195 35.15 -23.77 4.60
N MET B 196 34.74 -23.88 5.87
CA MET B 196 35.22 -24.96 6.70
C MET B 196 34.70 -26.31 6.20
N VAL B 197 33.44 -26.33 5.73
CA VAL B 197 32.88 -27.57 5.19
C VAL B 197 33.62 -27.98 3.92
N ALA B 198 33.97 -27.01 3.08
CA ALA B 198 34.69 -27.34 1.86
C ALA B 198 36.09 -27.85 2.17
N GLN B 199 36.79 -27.23 3.13
CA GLN B 199 38.11 -27.71 3.50
C GLN B 199 38.03 -29.09 4.13
N LEU B 200 36.97 -29.35 4.91
CA LEU B 200 36.77 -30.69 5.47
C LEU B 200 36.57 -31.73 4.37
N ALA B 201 35.78 -31.39 3.36
CA ALA B 201 35.58 -32.32 2.25
C ALA B 201 36.89 -32.61 1.53
N GLN B 202 37.68 -31.56 1.28
CA GLN B 202 38.97 -31.76 0.63
C GLN B 202 39.87 -32.68 1.45
N CYS B 203 39.94 -32.42 2.76
CA CYS B 203 40.80 -33.23 3.63
C CYS B 203 40.36 -34.70 3.63
N ARG B 204 39.06 -34.96 3.80
CA ARG B 204 38.63 -36.36 3.81
C ARG B 204 38.85 -37.02 2.45
N GLN B 205 38.67 -36.26 1.36
CA GLN B 205 38.91 -36.80 0.04
C GLN B 205 40.35 -37.27 -0.10
N GLN B 206 41.30 -36.41 0.23
CA GLN B 206 42.70 -36.80 0.07
C GLN B 206 43.08 -37.89 1.06
N LEU B 207 42.46 -37.91 2.25
CA LEU B 207 42.71 -39.02 3.17
C LEU B 207 42.29 -40.35 2.56
N ALA B 208 41.06 -40.41 2.02
CA ALA B 208 40.57 -41.66 1.47
C ALA B 208 41.40 -42.10 0.27
N GLN B 209 41.77 -41.16 -0.61
CA GLN B 209 42.53 -41.56 -1.78
C GLN B 209 43.97 -41.95 -1.43
N LEU B 210 44.57 -41.32 -0.42
CA LEU B 210 45.90 -41.75 0.00
C LEU B 210 45.84 -43.08 0.75
N ARG B 211 44.71 -43.39 1.38
CA ARG B 211 44.55 -44.73 1.96
C ARG B 211 44.44 -45.79 0.89
N GLU B 212 43.68 -45.51 -0.18
CA GLU B 212 43.63 -46.46 -1.29
C GLU B 212 44.99 -46.58 -1.97
N GLN B 213 45.79 -45.50 -1.98
CA GLN B 213 47.15 -45.58 -2.47
C GLN B 213 48.02 -46.44 -1.54
N TYR B 214 47.84 -46.31 -0.23
CA TYR B 214 48.50 -47.17 0.74
C TYR B 214 48.26 -48.64 0.42
N ASP B 215 46.99 -49.00 0.22
CA ASP B 215 46.68 -50.41 -0.02
C ASP B 215 47.08 -50.87 -1.42
N LYS B 216 47.04 -49.97 -2.42
CA LYS B 216 47.50 -50.34 -3.76
C LYS B 216 49.01 -50.49 -3.81
N HIS B 217 49.74 -49.74 -2.99
CA HIS B 217 51.17 -49.97 -2.85
C HIS B 217 51.44 -51.23 -2.04
N LEU B 218 50.51 -51.60 -1.16
CA LEU B 218 50.57 -52.93 -0.56
C LEU B 218 50.38 -54.02 -1.61
N LEU B 219 49.60 -53.74 -2.65
CA LEU B 219 49.55 -54.66 -3.79
C LEU B 219 50.90 -54.78 -4.47
N GLU B 220 51.69 -53.71 -4.46
CA GLU B 220 53.04 -53.70 -5.05
C GLU B 220 53.00 -53.98 -6.55
N ALA C 13 -41.17 31.69 -20.74
CA ALA C 13 -39.86 31.44 -20.15
C ALA C 13 -38.82 31.15 -21.23
N GLN C 14 -37.90 32.09 -21.41
CA GLN C 14 -36.83 31.98 -22.39
C GLN C 14 -35.56 31.40 -21.80
N THR C 15 -35.54 31.07 -20.52
CA THR C 15 -34.34 30.61 -19.85
C THR C 15 -34.29 29.08 -19.82
N GLY C 16 -33.11 28.52 -20.15
CA GLY C 16 -32.86 27.10 -20.03
C GLY C 16 -32.59 26.46 -21.37
N PHE C 17 -32.94 25.19 -21.48
CA PHE C 17 -32.66 24.39 -22.67
C PHE C 17 -33.67 24.70 -23.77
N ASP C 18 -33.20 24.62 -25.01
CA ASP C 18 -34.04 24.90 -26.19
C ASP C 18 -34.26 23.58 -26.93
N LEU C 19 -35.39 22.93 -26.64
CA LEU C 19 -35.74 21.69 -27.34
C LEU C 19 -36.13 21.95 -28.79
N SER C 20 -36.56 23.18 -29.10
CA SER C 20 -36.99 23.47 -30.46
C SER C 20 -35.83 23.35 -31.45
N THR C 21 -34.65 23.83 -31.06
CA THR C 21 -33.46 23.79 -31.91
C THR C 21 -32.46 22.74 -31.45
N ALA C 22 -32.92 21.73 -30.73
CA ALA C 22 -32.08 20.67 -30.24
C ALA C 22 -31.95 19.58 -31.29
N THR C 23 -30.86 18.83 -31.21
CA THR C 23 -30.58 17.74 -32.13
C THR C 23 -30.74 16.43 -31.38
N THR C 24 -31.55 15.53 -31.94
CA THR C 24 -31.77 14.23 -31.34
C THR C 24 -30.79 13.25 -31.97
N LEU C 25 -29.91 12.69 -31.13
CA LEU C 25 -28.83 11.84 -31.60
C LEU C 25 -29.12 10.37 -31.41
N PHE C 26 -29.86 10.01 -30.37
CA PHE C 26 -30.22 8.63 -30.07
C PHE C 26 -31.63 8.63 -29.51
N TRP C 27 -32.52 7.82 -30.09
CA TRP C 27 -33.88 7.69 -29.56
C TRP C 27 -34.36 6.27 -29.89
N ARG C 28 -34.12 5.35 -28.95
CA ARG C 28 -34.46 3.95 -29.13
C ARG C 28 -34.67 3.33 -27.76
N PRO C 29 -35.50 2.30 -27.66
CA PRO C 29 -35.56 1.53 -26.42
C PRO C 29 -34.27 0.75 -26.19
N VAL C 30 -33.83 0.71 -24.93
CA VAL C 30 -32.60 0.03 -24.54
C VAL C 30 -32.91 -0.94 -23.40
N PRO C 31 -32.34 -2.14 -23.40
CA PRO C 31 -32.54 -3.05 -22.26
C PRO C 31 -31.79 -2.53 -21.04
N VAL C 32 -32.52 -2.32 -19.96
CA VAL C 32 -31.98 -1.74 -18.74
C VAL C 32 -32.48 -2.53 -17.54
N HIS C 33 -31.59 -2.73 -16.57
CA HIS C 33 -31.91 -3.39 -15.32
C HIS C 33 -32.23 -2.31 -14.29
N VAL C 34 -33.45 -2.33 -13.77
CA VAL C 34 -33.91 -1.28 -12.87
C VAL C 34 -33.99 -1.83 -11.45
N LYS C 35 -33.36 -1.12 -10.51
CA LYS C 35 -33.28 -1.49 -9.11
C LYS C 35 -33.99 -0.43 -8.28
N GLN C 36 -34.85 -0.87 -7.37
CA GLN C 36 -35.60 0.05 -6.53
C GLN C 36 -35.37 -0.33 -5.07
N GLN C 37 -35.56 0.65 -4.18
CA GLN C 37 -35.21 0.44 -2.77
C GLN C 37 -36.15 -0.55 -2.08
N ASP C 38 -37.42 -0.61 -2.49
CA ASP C 38 -38.38 -1.55 -1.94
C ASP C 38 -38.79 -2.61 -2.95
N ARG C 39 -38.84 -2.28 -4.24
CA ARG C 39 -39.23 -3.25 -5.24
C ARG C 39 -38.00 -4.04 -5.67
N GLU C 40 -38.25 -5.22 -6.24
CA GLU C 40 -37.18 -6.13 -6.55
C GLU C 40 -36.67 -5.92 -7.98
N ASP C 41 -35.54 -6.56 -8.26
CA ASP C 41 -34.82 -6.37 -9.50
C ASP C 41 -35.63 -6.81 -10.70
N VAL C 42 -35.69 -5.96 -11.72
CA VAL C 42 -36.38 -6.27 -12.96
C VAL C 42 -35.61 -5.62 -14.11
N LEU C 43 -35.62 -6.28 -15.26
CA LEU C 43 -35.08 -5.72 -16.49
C LEU C 43 -36.26 -5.32 -17.36
N GLU C 44 -36.37 -4.03 -17.64
CA GLU C 44 -37.45 -3.49 -18.45
C GLU C 44 -36.85 -2.71 -19.62
N GLU C 45 -37.59 -2.65 -20.72
CA GLU C 45 -37.14 -1.96 -21.92
C GLU C 45 -37.47 -0.47 -21.77
N LEU C 46 -36.44 0.36 -21.65
CA LEU C 46 -36.59 1.79 -21.43
C LEU C 46 -36.07 2.57 -22.63
N THR C 47 -36.73 3.69 -22.92
CA THR C 47 -36.45 4.50 -24.08
C THR C 47 -35.50 5.64 -23.70
N PHE C 48 -34.34 5.69 -24.34
CA PHE C 48 -33.35 6.72 -24.09
C PHE C 48 -33.38 7.71 -25.24
N ARG C 49 -33.51 9.00 -24.92
CA ARG C 49 -33.43 10.07 -25.90
C ARG C 49 -32.28 11.00 -25.50
N ILE C 50 -31.26 11.10 -26.36
CA ILE C 50 -30.09 11.91 -26.10
C ILE C 50 -30.11 13.10 -27.06
N LEU C 51 -30.04 14.30 -26.50
CA LEU C 51 -30.21 15.53 -27.25
C LEU C 51 -29.05 16.46 -26.95
N THR C 52 -28.51 17.05 -28.00
CA THR C 52 -27.51 18.09 -27.86
C THR C 52 -28.13 19.40 -28.33
N GLY C 53 -28.02 20.43 -27.51
CA GLY C 53 -28.65 21.70 -27.83
C GLY C 53 -27.95 22.85 -27.13
N VAL C 54 -28.59 24.01 -27.18
CA VAL C 54 -28.04 25.22 -26.59
C VAL C 54 -29.09 25.87 -25.71
N ALA C 55 -28.63 26.71 -24.79
CA ALA C 55 -29.52 27.48 -23.95
C ALA C 55 -30.05 28.66 -24.74
N LYS C 56 -31.31 29.03 -24.49
CA LYS C 56 -31.87 30.13 -25.26
C LYS C 56 -31.38 31.49 -24.79
N GLN C 57 -30.85 31.59 -23.57
CA GLN C 57 -30.26 32.85 -23.13
C GLN C 57 -29.00 33.16 -23.93
N ASN C 58 -28.13 32.16 -24.14
CA ASN C 58 -26.93 32.31 -24.94
C ASN C 58 -26.79 31.09 -25.83
N HIS C 59 -26.73 31.31 -27.15
CA HIS C 59 -26.59 30.22 -28.10
C HIS C 59 -25.20 29.60 -28.10
N ASN C 60 -24.23 30.24 -27.45
CA ASN C 60 -22.89 29.69 -27.30
C ASN C 60 -22.78 28.75 -26.11
N LEU C 61 -23.73 28.78 -25.19
CA LEU C 61 -23.75 27.85 -24.09
C LEU C 61 -24.28 26.51 -24.59
N ARG C 62 -23.54 25.44 -24.35
CA ARG C 62 -23.84 24.14 -24.91
C ARG C 62 -24.36 23.22 -23.81
N ILE C 63 -25.49 22.56 -24.07
CA ILE C 63 -26.15 21.71 -23.09
C ILE C 63 -26.46 20.36 -23.70
N LEU C 64 -26.35 19.33 -22.87
CA LEU C 64 -26.68 17.95 -23.20
C LEU C 64 -27.83 17.50 -22.31
N ARG C 65 -28.81 16.87 -22.91
CA ARG C 65 -29.98 16.37 -22.20
C ARG C 65 -30.17 14.90 -22.51
N ILE C 66 -30.49 14.12 -21.49
CA ILE C 66 -30.82 12.71 -21.65
C ILE C 66 -32.14 12.43 -20.95
N HIS C 67 -33.06 11.75 -21.64
CA HIS C 67 -34.36 11.38 -21.11
C HIS C 67 -34.47 9.87 -21.10
N ILE C 68 -34.81 9.31 -19.94
CA ILE C 68 -35.11 7.90 -19.77
C ILE C 68 -36.60 7.78 -19.49
N SER C 69 -37.31 7.12 -20.40
CA SER C 69 -38.76 7.00 -20.30
C SER C 69 -39.15 5.54 -20.46
N SER C 70 -40.44 5.25 -20.27
CA SER C 70 -40.96 3.90 -20.47
C SER C 70 -42.22 3.99 -21.31
N ASP C 71 -42.30 3.15 -22.34
CA ASP C 71 -43.54 3.03 -23.10
C ASP C 71 -44.63 2.34 -22.30
N SER C 72 -44.26 1.53 -21.30
CA SER C 72 -45.24 0.88 -20.43
C SER C 72 -45.78 1.84 -19.38
N ASP C 73 -44.89 2.55 -18.68
CA ASP C 73 -45.28 3.52 -17.67
C ASP C 73 -45.03 4.90 -18.23
N LEU C 74 -46.12 5.59 -18.62
CA LEU C 74 -46.02 6.93 -19.18
C LEU C 74 -45.77 7.99 -18.12
N PHE C 75 -45.83 7.62 -16.84
CA PHE C 75 -45.51 8.53 -15.75
C PHE C 75 -44.09 8.33 -15.24
N PHE C 76 -43.31 7.48 -15.89
CA PHE C 76 -41.93 7.20 -15.53
C PHE C 76 -41.00 8.06 -16.40
N LEU C 77 -40.27 8.95 -15.75
CA LEU C 77 -39.35 9.84 -16.46
C LEU C 77 -38.15 10.16 -15.57
N HIS C 78 -36.95 10.01 -16.13
CA HIS C 78 -35.73 10.43 -15.47
C HIS C 78 -34.95 11.31 -16.42
N THR C 79 -34.54 12.48 -15.96
CA THR C 79 -33.95 13.48 -16.83
C THR C 79 -32.55 13.84 -16.32
N LEU C 80 -31.67 14.17 -17.27
CA LEU C 80 -30.32 14.61 -16.97
C LEU C 80 -30.00 15.78 -17.88
N GLU C 81 -29.54 16.89 -17.31
CA GLU C 81 -29.12 18.04 -18.09
C GLU C 81 -27.77 18.50 -17.59
N VAL C 82 -26.79 18.58 -18.49
CA VAL C 82 -25.41 18.95 -18.16
C VAL C 82 -24.93 20.01 -19.14
N SER C 83 -24.30 21.06 -18.64
CA SER C 83 -23.69 22.06 -19.50
C SER C 83 -22.27 21.67 -19.88
N GLU C 84 -21.66 22.47 -20.75
CA GLU C 84 -20.25 22.29 -21.04
C GLU C 84 -19.42 22.61 -19.81
N GLU C 85 -19.87 23.58 -19.00
CA GLU C 85 -19.16 23.95 -17.78
C GLU C 85 -19.13 22.80 -16.78
N ASP C 86 -20.31 22.31 -16.38
CA ASP C 86 -20.40 21.23 -15.41
C ASP C 86 -19.91 19.91 -15.96
N PHE C 87 -19.62 19.83 -17.26
CA PHE C 87 -19.05 18.60 -17.78
C PHE C 87 -17.68 18.34 -17.19
N GLN C 88 -16.92 19.38 -16.83
CA GLN C 88 -15.64 19.12 -16.18
C GLN C 88 -15.83 18.43 -14.83
N SER C 89 -16.85 18.85 -14.06
CA SER C 89 -17.15 18.17 -12.81
C SER C 89 -17.56 16.72 -13.07
N LEU C 90 -18.22 16.49 -14.20
CA LEU C 90 -18.63 15.13 -14.57
C LEU C 90 -17.57 14.38 -15.37
N LYS C 91 -16.44 15.00 -15.69
CA LYS C 91 -15.47 14.41 -16.61
C LYS C 91 -14.79 13.19 -16.01
N ASN C 92 -14.32 13.31 -14.77
CA ASN C 92 -13.95 12.10 -14.07
C ASN C 92 -15.23 11.44 -13.58
N ASP C 93 -15.12 10.36 -12.82
CA ASP C 93 -16.28 9.62 -12.33
C ASP C 93 -17.02 8.94 -13.49
N GLN C 94 -16.51 9.04 -14.72
CA GLN C 94 -17.20 8.51 -15.88
C GLN C 94 -16.36 7.48 -16.63
N GLY C 95 -15.58 6.68 -15.91
CA GLY C 95 -14.91 5.56 -16.53
C GLY C 95 -13.99 5.99 -17.65
N ILE C 96 -14.37 5.62 -18.88
CA ILE C 96 -13.64 6.00 -20.06
C ILE C 96 -13.50 7.52 -20.10
N LEU C 97 -12.40 8.00 -20.67
CA LEU C 97 -12.09 9.42 -20.66
C LEU C 97 -12.62 10.08 -21.92
N VAL C 98 -13.39 11.16 -21.74
CA VAL C 98 -14.01 11.85 -22.86
C VAL C 98 -14.19 13.32 -22.54
N ASP C 99 -14.30 14.11 -23.60
CA ASP C 99 -14.62 15.53 -23.56
C ASP C 99 -16.12 15.71 -23.75
N PHE C 100 -16.59 16.94 -23.55
CA PHE C 100 -18.00 17.25 -23.76
C PHE C 100 -18.45 16.89 -25.16
N ALA C 101 -17.55 16.97 -26.14
CA ALA C 101 -17.93 16.72 -27.53
C ALA C 101 -18.22 15.25 -27.78
N SER C 102 -17.32 14.37 -27.37
CA SER C 102 -17.43 12.95 -27.72
C SER C 102 -18.22 12.13 -26.70
N PHE C 103 -18.61 12.73 -25.57
CA PHE C 103 -19.40 12.00 -24.58
C PHE C 103 -20.69 11.43 -25.19
N PRO C 104 -21.47 12.19 -25.98
CA PRO C 104 -22.63 11.57 -26.66
C PRO C 104 -22.28 10.36 -27.50
N GLY C 105 -21.21 10.44 -28.31
CA GLY C 105 -20.84 9.30 -29.14
C GLY C 105 -20.54 8.07 -28.31
N LYS C 106 -19.74 8.22 -27.25
CA LYS C 106 -19.39 7.08 -26.42
C LYS C 106 -20.62 6.51 -25.73
N ILE C 107 -21.50 7.38 -25.24
CA ILE C 107 -22.71 6.90 -24.57
C ILE C 107 -23.54 6.10 -25.56
N ILE C 108 -23.64 6.59 -26.80
CA ILE C 108 -24.43 5.91 -27.83
C ILE C 108 -23.81 4.55 -28.15
N SER C 109 -22.49 4.50 -28.30
CA SER C 109 -21.84 3.24 -28.62
C SER C 109 -22.05 2.21 -27.52
N LEU C 110 -21.89 2.64 -26.26
CA LEU C 110 -22.08 1.72 -25.15
C LEU C 110 -23.53 1.26 -25.06
N LEU C 111 -24.49 2.17 -25.24
CA LEU C 111 -25.90 1.77 -25.20
C LEU C 111 -26.23 0.79 -26.31
N GLU C 112 -25.73 1.03 -27.52
CA GLU C 112 -25.93 0.10 -28.62
C GLU C 112 -25.32 -1.26 -28.30
N LYS C 113 -24.14 -1.27 -27.69
CA LYS C 113 -23.54 -2.55 -27.28
C LYS C 113 -24.42 -3.25 -26.25
N CYS C 114 -25.07 -2.48 -25.37
CA CYS C 114 -26.03 -3.07 -24.44
C CYS C 114 -27.22 -3.67 -25.18
N ILE C 115 -27.66 -3.03 -26.27
CA ILE C 115 -28.79 -3.53 -27.03
C ILE C 115 -28.44 -4.86 -27.69
N LEU C 116 -27.27 -4.92 -28.32
CA LEU C 116 -26.80 -6.13 -29.01
C LEU C 116 -25.95 -7.00 -28.10
N ALA C 117 -26.35 -7.20 -26.85
CA ALA C 117 -25.53 -7.88 -25.86
C ALA C 117 -26.15 -9.26 -25.61
N GLN C 118 -25.90 -10.17 -26.53
CA GLN C 118 -26.35 -11.55 -26.37
C GLN C 118 -25.46 -12.23 -25.33
N PRO C 119 -25.96 -13.28 -24.68
CA PRO C 119 -25.09 -14.04 -23.77
C PRO C 119 -23.88 -14.60 -24.52
N GLY C 120 -22.72 -14.56 -23.86
CA GLY C 120 -21.50 -15.01 -24.49
C GLY C 120 -20.72 -13.93 -25.19
N ASP C 121 -21.28 -12.73 -25.32
CA ASP C 121 -20.58 -11.62 -25.97
C ASP C 121 -19.25 -11.33 -25.28
N SER C 122 -18.23 -11.11 -26.11
CA SER C 122 -16.89 -10.85 -25.61
C SER C 122 -16.84 -9.59 -24.73
N PRO C 123 -16.87 -8.32 -25.21
CA PRO C 123 -17.05 -7.24 -24.23
C PRO C 123 -18.54 -7.11 -23.90
N ARG C 124 -19.00 -7.81 -22.86
CA ARG C 124 -20.43 -7.87 -22.53
C ARG C 124 -20.85 -6.69 -21.66
N PHE C 125 -21.24 -5.61 -22.31
CA PHE C 125 -21.75 -4.42 -21.64
C PHE C 125 -23.21 -4.60 -21.23
N GLN C 126 -23.55 -4.10 -20.04
CA GLN C 126 -24.91 -4.17 -19.50
C GLN C 126 -25.28 -2.77 -19.01
N ALA C 127 -26.57 -2.52 -18.87
CA ALA C 127 -27.10 -1.23 -18.45
C ALA C 127 -27.96 -1.40 -17.21
N VAL C 128 -27.73 -0.56 -16.21
CA VAL C 128 -28.47 -0.65 -14.95
C VAL C 128 -28.87 0.76 -14.50
N LEU C 129 -30.09 0.89 -14.00
CA LEU C 129 -30.55 2.14 -13.40
C LEU C 129 -30.97 1.83 -11.97
N THR C 130 -30.27 2.41 -11.00
CA THR C 130 -30.60 2.22 -9.60
C THR C 130 -31.25 3.49 -9.09
N ILE C 131 -32.40 3.33 -8.44
CA ILE C 131 -33.27 4.43 -8.03
C ILE C 131 -33.24 4.59 -6.51
N ARG C 132 -33.03 5.82 -6.07
CA ARG C 132 -33.12 6.23 -4.67
C ARG C 132 -34.32 7.15 -4.48
N GLY C 133 -35.17 7.27 -5.49
CA GLY C 133 -36.41 8.03 -5.45
C GLY C 133 -36.22 9.53 -5.34
N GLY C 134 -35.11 9.96 -4.74
CA GLY C 134 -34.83 11.38 -4.68
C GLY C 134 -33.71 11.65 -5.67
N GLU C 135 -32.97 10.59 -5.97
CA GLU C 135 -31.88 10.61 -6.93
C GLU C 135 -31.82 9.24 -7.59
N SER C 136 -31.33 9.19 -8.82
CA SER C 136 -31.17 7.93 -9.53
C SER C 136 -29.86 7.96 -10.31
N VAL C 137 -29.14 6.85 -10.31
CA VAL C 137 -27.88 6.76 -11.03
C VAL C 137 -27.98 5.67 -12.08
N PHE C 138 -27.60 6.02 -13.31
CA PHE C 138 -27.56 5.12 -14.45
C PHE C 138 -26.12 4.77 -14.74
N LYS C 139 -25.85 3.47 -14.91
CA LYS C 139 -24.49 3.00 -15.10
C LYS C 139 -24.46 1.94 -16.18
N ILE C 140 -23.51 2.08 -17.10
CA ILE C 140 -23.20 1.03 -18.08
C ILE C 140 -21.97 0.32 -17.55
N VAL C 141 -22.04 -1.00 -17.45
CA VAL C 141 -21.04 -1.77 -16.72
C VAL C 141 -20.58 -2.95 -17.57
N GLU C 142 -19.29 -3.22 -17.53
CA GLU C 142 -18.75 -4.44 -18.11
C GLU C 142 -18.88 -5.53 -17.07
N ILE C 143 -19.63 -6.59 -17.40
CA ILE C 143 -20.07 -7.59 -16.42
C ILE C 143 -19.89 -9.02 -16.88
N ASN C 144 -19.18 -9.24 -17.98
CA ASN C 144 -19.06 -10.60 -18.50
C ASN C 144 -18.41 -11.58 -17.53
N ASP C 145 -17.12 -11.39 -17.23
CA ASP C 145 -16.32 -12.38 -16.51
C ASP C 145 -16.06 -11.91 -15.08
N GLU C 146 -17.06 -12.11 -14.21
CA GLU C 146 -16.92 -11.82 -12.77
C GLU C 146 -16.51 -10.37 -12.55
N LYS C 147 -16.84 -9.51 -13.51
CA LYS C 147 -16.48 -8.10 -13.48
C LYS C 147 -17.67 -7.17 -13.29
N GLN C 148 -17.45 -6.08 -12.56
CA GLN C 148 -18.39 -4.97 -12.51
C GLN C 148 -17.51 -3.75 -12.81
N LEU C 149 -17.55 -3.27 -14.04
CA LEU C 149 -16.68 -2.17 -14.45
C LEU C 149 -17.54 -0.99 -14.89
N PRO C 150 -17.58 0.10 -14.13
CA PRO C 150 -18.39 1.26 -14.57
C PRO C 150 -17.73 1.99 -15.72
N HIS C 151 -18.24 1.78 -16.94
CA HIS C 151 -17.74 2.56 -18.07
C HIS C 151 -18.31 3.97 -18.07
N ILE C 152 -19.57 4.10 -17.66
CA ILE C 152 -20.26 5.38 -17.57
C ILE C 152 -21.13 5.35 -16.33
N THR C 153 -21.04 6.39 -15.50
CA THR C 153 -21.91 6.54 -14.33
C THR C 153 -22.48 7.95 -14.34
N LEU C 154 -23.81 8.06 -14.42
CA LEU C 154 -24.47 9.34 -14.53
C LEU C 154 -25.58 9.45 -13.49
N ALA C 155 -25.89 10.69 -13.13
CA ALA C 155 -26.88 10.99 -12.11
C ALA C 155 -28.08 11.66 -12.77
N PHE C 156 -29.26 11.09 -12.54
CA PHE C 156 -30.51 11.53 -13.16
C PHE C 156 -31.45 12.01 -12.07
N ARG C 157 -32.10 13.15 -12.31
CA ARG C 157 -33.06 13.67 -11.35
C ARG C 157 -34.43 13.10 -11.68
N PRO C 158 -35.03 12.31 -10.78
CA PRO C 158 -36.36 11.73 -11.06
C PRO C 158 -37.43 12.80 -11.26
N GLY C 159 -38.47 12.41 -11.98
CA GLY C 159 -39.49 13.36 -12.37
C GLY C 159 -40.54 13.65 -11.34
N ASN C 160 -40.72 14.93 -11.00
CA ASN C 160 -41.90 15.36 -10.27
C ASN C 160 -43.08 15.44 -11.25
N ASP C 161 -44.29 15.64 -10.69
CA ASP C 161 -45.48 15.66 -11.51
C ASP C 161 -45.43 16.74 -12.58
N SER C 162 -44.77 17.87 -12.30
CA SER C 162 -44.71 18.96 -13.27
C SER C 162 -43.90 18.58 -14.51
N VAL C 163 -42.71 18.00 -14.32
CA VAL C 163 -41.87 17.69 -15.46
C VAL C 163 -42.45 16.53 -16.25
N VAL C 164 -43.06 15.55 -15.57
CA VAL C 164 -43.74 14.47 -16.28
C VAL C 164 -44.92 15.02 -17.07
N LYS C 165 -45.61 16.00 -16.50
CA LYS C 165 -46.71 16.66 -17.19
C LYS C 165 -46.24 17.36 -18.47
N GLN C 166 -45.19 18.16 -18.38
CA GLN C 166 -44.67 18.83 -19.57
C GLN C 166 -44.12 17.83 -20.58
N PHE C 167 -43.47 16.77 -20.10
CA PHE C 167 -42.92 15.75 -20.99
C PHE C 167 -44.03 15.06 -21.77
N LEU C 168 -45.11 14.68 -21.08
CA LEU C 168 -46.24 14.08 -21.78
C LEU C 168 -46.82 15.04 -22.81
N ALA C 169 -46.95 16.33 -22.45
CA ALA C 169 -47.47 17.30 -23.40
C ALA C 169 -46.55 17.44 -24.62
N PHE C 170 -45.24 17.48 -24.37
CA PHE C 170 -44.27 17.58 -25.46
C PHE C 170 -44.37 16.39 -26.41
N ARG C 171 -44.38 15.17 -25.86
CA ARG C 171 -44.39 14.03 -26.77
C ARG C 171 -45.76 13.86 -27.42
N LEU C 172 -46.84 14.28 -26.75
CA LEU C 172 -48.15 14.26 -27.37
C LEU C 172 -48.20 15.22 -28.55
N SER C 173 -47.64 16.42 -28.38
CA SER C 173 -47.53 17.34 -29.51
C SER C 173 -46.66 16.74 -30.62
N GLU C 174 -45.57 16.07 -30.23
CA GLU C 174 -44.69 15.44 -31.21
C GLU C 174 -45.43 14.41 -32.04
N VAL C 175 -46.12 13.47 -31.39
CA VAL C 175 -46.82 12.42 -32.10
C VAL C 175 -47.97 13.00 -32.93
N LYS C 176 -48.64 14.03 -32.40
CA LYS C 176 -49.71 14.67 -33.16
C LYS C 176 -49.16 15.28 -34.43
N GLY C 177 -48.00 15.95 -34.35
CA GLY C 177 -47.40 16.52 -35.54
C GLY C 177 -46.94 15.45 -36.52
N THR C 178 -46.33 14.38 -36.01
CA THR C 178 -45.90 13.32 -36.91
C THR C 178 -47.11 12.73 -37.64
N CYS C 179 -48.24 12.56 -36.95
CA CYS C 179 -49.41 12.00 -37.62
C CYS C 179 -50.07 12.99 -38.57
N HIS C 180 -50.05 14.28 -38.22
CA HIS C 180 -50.59 15.29 -39.12
C HIS C 180 -49.77 15.40 -40.41
N ASP C 181 -48.44 15.45 -40.28
CA ASP C 181 -47.58 15.43 -41.46
C ASP C 181 -47.68 14.10 -42.21
N LEU C 182 -47.84 13.00 -41.48
CA LEU C 182 -48.03 11.70 -42.13
C LEU C 182 -49.32 11.71 -42.94
N SER C 183 -50.38 12.34 -42.44
CA SER C 183 -51.62 12.44 -43.19
C SER C 183 -51.45 13.29 -44.43
N ASP C 184 -50.72 14.42 -44.31
CA ASP C 184 -50.40 15.24 -45.48
C ASP C 184 -49.65 14.42 -46.52
N ASP C 185 -48.60 13.73 -46.08
CA ASP C 185 -47.77 12.93 -46.98
C ASP C 185 -48.56 11.78 -47.59
N LEU C 186 -49.46 11.17 -46.81
CA LEU C 186 -50.28 10.07 -47.31
C LEU C 186 -51.25 10.55 -48.37
N SER C 187 -51.93 11.68 -48.13
CA SER C 187 -52.78 12.24 -49.16
C SER C 187 -52.00 12.52 -50.43
N ARG C 188 -50.80 13.09 -50.30
CA ARG C 188 -49.99 13.38 -51.47
C ARG C 188 -49.59 12.11 -52.22
N THR C 189 -49.12 11.10 -51.49
CA THR C 189 -48.69 9.86 -52.13
C THR C 189 -49.87 9.13 -52.77
N ARG C 190 -51.04 9.14 -52.14
CA ARG C 190 -52.22 8.55 -52.75
C ARG C 190 -52.57 9.25 -54.06
N ASP C 191 -52.55 10.58 -54.06
CA ASP C 191 -52.90 11.32 -55.29
C ASP C 191 -51.87 11.08 -56.39
N ASP C 192 -50.58 11.20 -56.07
CA ASP C 192 -49.55 10.98 -57.07
C ASP C 192 -49.56 9.56 -57.60
N ARG C 193 -49.75 8.58 -56.72
CA ARG C 193 -49.72 7.19 -57.17
C ARG C 193 -50.97 6.85 -57.98
N ASP C 194 -52.12 7.40 -57.62
CA ASP C 194 -53.30 7.21 -58.45
C ASP C 194 -53.09 7.83 -59.83
N SER C 195 -52.42 8.98 -59.87
CA SER C 195 -52.05 9.52 -61.16
C SER C 195 -51.13 8.56 -61.90
N MET C 196 -50.25 7.87 -61.16
CA MET C 196 -49.33 6.91 -61.79
C MET C 196 -50.09 5.71 -62.36
N VAL C 197 -51.11 5.23 -61.63
CA VAL C 197 -51.93 4.12 -62.10
C VAL C 197 -52.66 4.52 -63.36
N ALA C 198 -53.16 5.75 -63.39
CA ALA C 198 -53.86 6.25 -64.55
C ALA C 198 -52.90 6.45 -65.73
N GLN C 199 -51.69 6.94 -65.47
CA GLN C 199 -50.72 7.10 -66.54
C GLN C 199 -50.28 5.76 -67.09
N LEU C 200 -50.14 4.76 -66.22
CA LEU C 200 -49.89 3.41 -66.71
C LEU C 200 -51.04 2.95 -67.58
N ALA C 201 -52.28 3.28 -67.17
CA ALA C 201 -53.45 2.96 -67.98
C ALA C 201 -53.35 3.62 -69.35
N GLN C 202 -52.90 4.88 -69.38
CA GLN C 202 -52.67 5.57 -70.64
C GLN C 202 -51.66 4.83 -71.52
N CYS C 203 -50.56 4.38 -70.90
CA CYS C 203 -49.54 3.65 -71.64
C CYS C 203 -50.10 2.39 -72.29
N ARG C 204 -50.97 1.67 -71.56
CA ARG C 204 -51.49 0.41 -72.07
C ARG C 204 -52.30 0.62 -73.34
N GLN C 205 -53.19 1.59 -73.34
CA GLN C 205 -53.99 1.90 -74.51
C GLN C 205 -53.09 2.42 -75.63
N SER D 4 31.87 -1.95 37.49
CA SER D 4 30.86 -1.39 36.59
C SER D 4 30.95 -2.08 35.22
N SER D 5 32.06 -1.84 34.54
CA SER D 5 32.41 -2.40 33.23
C SER D 5 31.94 -3.82 33.04
N VAL D 6 31.05 -4.03 32.06
CA VAL D 6 30.58 -5.39 31.79
C VAL D 6 31.71 -6.33 31.42
N PRO D 7 32.75 -5.95 30.63
CA PRO D 7 33.80 -6.95 30.33
C PRO D 7 34.89 -7.03 31.41
N THR D 8 35.20 -5.92 32.10
CA THR D 8 36.24 -5.90 33.13
C THR D 8 37.59 -6.39 32.61
N LYS D 9 37.76 -6.47 31.30
CA LYS D 9 38.97 -7.03 30.74
C LYS D 9 39.40 -6.30 29.47
N LEU D 10 39.77 -5.03 29.56
CA LEU D 10 40.28 -4.31 28.40
C LEU D 10 41.73 -3.88 28.64
N GLU D 11 42.58 -4.14 27.64
CA GLU D 11 44.00 -3.82 27.71
C GLU D 11 44.49 -3.50 26.30
N VAL D 12 45.64 -2.85 26.22
CA VAL D 12 46.33 -2.69 24.95
C VAL D 12 47.33 -3.82 24.84
N VAL D 13 47.35 -4.50 23.69
CA VAL D 13 48.01 -5.79 23.57
C VAL D 13 49.11 -5.80 22.52
N ALA D 14 48.87 -5.20 21.36
CA ALA D 14 49.93 -4.92 20.39
C ALA D 14 50.14 -3.42 20.30
N ALA D 15 51.33 -3.01 19.88
CA ALA D 15 51.71 -1.60 19.89
C ALA D 15 52.76 -1.31 18.83
N THR D 16 52.43 -0.41 17.92
CA THR D 16 53.36 0.11 16.92
C THR D 16 53.26 1.63 17.01
N PRO D 17 54.30 2.36 16.58
CA PRO D 17 54.30 3.82 16.85
C PRO D 17 53.07 4.55 16.33
N THR D 18 52.43 4.05 15.27
CA THR D 18 51.24 4.69 14.72
C THR D 18 49.96 3.91 14.99
N SER D 19 50.03 2.72 15.58
CA SER D 19 48.84 1.91 15.73
C SER D 19 48.86 1.14 17.05
N LEU D 20 47.71 0.57 17.38
CA LEU D 20 47.59 -0.23 18.60
C LEU D 20 46.53 -1.30 18.40
N LEU D 21 46.58 -2.30 19.26
CA LEU D 21 45.62 -3.40 19.23
C LEU D 21 45.04 -3.55 20.63
N ILE D 22 43.72 -3.48 20.73
CA ILE D 22 43.00 -3.58 22.00
C ILE D 22 42.22 -4.89 22.00
N SER D 23 42.17 -5.53 23.17
CA SER D 23 41.49 -6.81 23.32
C SER D 23 40.64 -6.77 24.59
N TRP D 24 39.36 -7.09 24.46
CA TRP D 24 38.47 -7.17 25.61
C TRP D 24 37.87 -8.56 25.77
N ASP D 25 37.09 -8.74 26.84
CA ASP D 25 36.46 -10.03 27.14
C ASP D 25 35.06 -9.81 27.71
N ALA D 26 34.04 -9.95 26.86
CA ALA D 26 32.66 -9.76 27.30
C ALA D 26 31.74 -10.82 26.68
N PRO D 27 32.16 -12.09 26.63
CA PRO D 27 31.32 -13.09 25.95
C PRO D 27 30.13 -13.62 26.75
N ALA D 28 30.07 -13.42 28.07
CA ALA D 28 28.98 -14.03 28.83
C ALA D 28 27.63 -13.39 28.57
N VAL D 29 27.59 -12.10 28.35
CA VAL D 29 26.32 -11.45 28.07
C VAL D 29 26.10 -11.47 26.56
N THR D 30 24.85 -11.27 26.15
CA THR D 30 24.54 -11.14 24.74
C THR D 30 24.97 -9.75 24.31
N VAL D 31 25.88 -9.66 23.35
CA VAL D 31 26.38 -8.38 22.87
C VAL D 31 26.23 -8.33 21.36
N VAL D 32 25.42 -7.39 20.88
CA VAL D 32 25.23 -7.27 19.44
C VAL D 32 26.32 -6.41 18.83
N HIS D 33 26.79 -5.39 19.54
CA HIS D 33 27.89 -4.59 19.03
C HIS D 33 28.57 -3.85 20.17
N TYR D 34 29.78 -3.38 19.87
CA TYR D 34 30.59 -2.52 20.72
C TYR D 34 30.83 -1.21 19.98
N VAL D 35 30.91 -0.11 20.72
CA VAL D 35 31.42 1.15 20.18
C VAL D 35 32.70 1.49 20.92
N ILE D 36 33.74 1.82 20.16
CA ILE D 36 35.06 2.12 20.71
C ILE D 36 35.39 3.56 20.36
N THR D 37 35.71 4.34 21.38
CA THR D 37 36.04 5.74 21.22
C THR D 37 37.51 5.93 21.55
N TYR D 38 38.25 6.60 20.67
CA TYR D 38 39.66 6.85 20.93
C TYR D 38 39.92 8.33 20.70
N GLY D 39 40.44 8.98 21.74
CA GLY D 39 40.84 10.37 21.60
C GLY D 39 41.94 10.68 22.59
N GLU D 40 42.69 11.74 22.27
CA GLU D 40 43.85 12.19 23.05
C GLU D 40 43.52 12.64 24.48
N THR D 41 42.85 13.79 24.59
CA THR D 41 42.60 14.45 25.86
C THR D 41 41.71 13.63 26.79
N GLY D 42 41.90 13.78 28.09
CA GLY D 42 41.04 13.12 29.06
C GLY D 42 39.87 14.01 29.39
N GLY D 43 38.67 13.66 28.88
CA GLY D 43 37.51 14.51 29.08
C GLY D 43 37.54 15.68 28.11
N TYR D 44 36.47 16.47 28.15
CA TYR D 44 36.31 17.57 27.20
C TYR D 44 36.49 17.03 25.79
N SER D 45 35.58 16.13 25.40
CA SER D 45 35.69 15.37 24.17
C SER D 45 34.73 15.87 23.12
N GLY D 46 35.22 16.78 22.28
CA GLY D 46 34.47 17.21 21.11
C GLY D 46 35.19 16.86 19.82
N SER D 47 36.00 15.79 19.85
CA SER D 47 36.70 15.33 18.66
C SER D 47 37.30 13.93 18.78
N PHE D 48 36.66 13.03 19.53
CA PHE D 48 37.19 11.69 19.67
C PHE D 48 36.60 10.85 18.54
N GLN D 49 37.44 10.03 17.90
CA GLN D 49 36.93 9.24 16.79
C GLN D 49 36.38 7.92 17.31
N LYS D 50 35.08 7.74 17.13
CA LYS D 50 34.39 6.49 17.44
C LYS D 50 34.43 5.57 16.22
N PHE D 51 34.46 4.27 16.49
CA PHE D 51 34.20 3.27 15.46
C PHE D 51 33.50 2.07 16.08
N LYS D 52 32.76 1.34 15.25
CA LYS D 52 31.83 0.31 15.72
C LYS D 52 32.39 -1.06 15.38
N VAL D 53 32.15 -2.03 16.26
CA VAL D 53 32.69 -3.38 16.10
C VAL D 53 31.61 -4.40 16.41
N PRO D 54 31.52 -5.51 15.67
CA PRO D 54 30.49 -6.51 15.95
C PRO D 54 30.71 -7.18 17.30
N GLY D 55 29.60 -7.65 17.89
CA GLY D 55 29.66 -8.35 19.16
C GLY D 55 30.40 -9.66 19.10
N SER D 56 30.62 -10.21 17.90
CA SER D 56 31.38 -11.44 17.76
C SER D 56 32.85 -11.23 18.07
N LYS D 57 33.38 -10.04 17.79
CA LYS D 57 34.81 -9.81 17.89
C LYS D 57 35.25 -9.65 19.34
N SER D 58 36.52 -9.95 19.58
CA SER D 58 37.17 -9.76 20.88
C SER D 58 38.44 -8.93 20.72
N THR D 59 38.66 -8.38 19.54
CA THR D 59 39.86 -7.63 19.22
C THR D 59 39.49 -6.44 18.37
N ALA D 60 40.35 -5.42 18.38
CA ALA D 60 40.16 -4.27 17.51
C ALA D 60 41.49 -3.57 17.31
N THR D 61 41.68 -3.02 16.11
CA THR D 61 42.90 -2.31 15.77
C THR D 61 42.59 -0.84 15.56
N ILE D 62 43.34 0.02 16.21
CA ILE D 62 43.29 1.46 15.95
C ILE D 62 44.56 1.83 15.22
N SER D 63 44.46 2.78 14.30
CA SER D 63 45.58 3.15 13.45
C SER D 63 45.55 4.65 13.22
N GLY D 64 46.62 5.16 12.60
CA GLY D 64 46.69 6.57 12.31
C GLY D 64 46.95 7.44 13.53
N LEU D 65 47.25 6.83 14.67
CA LEU D 65 47.42 7.58 15.91
C LEU D 65 48.71 8.40 15.87
N LYS D 66 48.72 9.48 16.62
CA LYS D 66 49.88 10.36 16.69
C LYS D 66 50.94 9.71 17.57
N PRO D 67 52.21 9.67 17.13
CA PRO D 67 53.24 9.02 17.93
C PRO D 67 53.62 9.86 19.15
N GLY D 68 53.80 9.18 20.28
CA GLY D 68 54.19 9.84 21.52
C GLY D 68 53.07 10.56 22.26
N VAL D 69 51.81 10.31 21.90
CA VAL D 69 50.66 10.99 22.49
C VAL D 69 49.86 10.08 23.41
N ASP D 70 49.15 10.72 24.36
CA ASP D 70 48.26 10.09 25.34
C ASP D 70 46.82 9.99 24.82
N TYR D 71 46.37 8.76 24.71
CA TYR D 71 45.03 8.48 24.28
C TYR D 71 44.25 7.83 25.41
N THR D 72 43.01 8.27 25.53
CA THR D 72 41.99 7.63 26.33
C THR D 72 41.12 6.84 25.35
N ILE D 73 40.98 5.54 25.62
CA ILE D 73 40.19 4.63 24.81
C ILE D 73 39.09 4.03 25.66
N THR D 74 37.84 4.10 25.18
CA THR D 74 36.71 3.55 25.92
C THR D 74 35.94 2.57 25.04
N VAL D 75 35.55 1.44 25.63
CA VAL D 75 34.73 0.43 24.97
C VAL D 75 33.37 0.36 25.66
N TYR D 76 32.30 0.49 24.89
CA TYR D 76 30.92 0.35 25.34
C TYR D 76 30.30 -0.84 24.64
N ALA D 77 29.58 -1.68 25.38
CA ALA D 77 28.84 -2.79 24.78
C ALA D 77 27.36 -2.49 24.81
N TYR D 78 26.68 -2.74 23.70
CA TYR D 78 25.26 -2.43 23.56
C TYR D 78 24.48 -3.71 23.35
N ASP D 79 23.28 -3.76 23.93
CA ASP D 79 22.27 -4.75 23.64
C ASP D 79 21.19 -4.11 22.76
N TRP D 80 20.07 -4.79 22.58
CA TRP D 80 18.97 -4.21 21.82
C TRP D 80 18.29 -3.09 22.59
N ASP D 81 17.87 -3.37 23.83
CA ASP D 81 17.16 -2.39 24.64
C ASP D 81 17.99 -1.86 25.80
N SER D 82 19.31 -2.00 25.75
CA SER D 82 20.15 -1.61 26.88
C SER D 82 21.57 -1.36 26.37
N MET D 83 22.35 -0.70 27.22
CA MET D 83 23.78 -0.54 27.02
C MET D 83 24.48 -0.87 28.33
N TYR D 84 25.42 -1.80 28.27
CA TYR D 84 26.20 -2.15 29.45
C TYR D 84 27.15 -1.01 29.82
N SER D 85 27.67 -1.07 31.04
CA SER D 85 28.59 -0.03 31.50
C SER D 85 29.90 -0.12 30.74
N PRO D 86 30.54 1.00 30.44
CA PRO D 86 31.76 0.99 29.62
C PRO D 86 33.02 0.75 30.46
N ILE D 87 34.10 0.43 29.75
CA ILE D 87 35.43 0.31 30.35
C ILE D 87 36.40 1.22 29.62
N SER D 88 37.28 1.87 30.36
CA SER D 88 38.16 2.89 29.77
C SER D 88 39.60 2.66 30.22
N ILE D 89 40.53 2.98 29.32
CA ILE D 89 41.95 2.82 29.55
C ILE D 89 42.67 4.07 29.04
N ASN D 90 43.87 4.29 29.54
CA ASN D 90 44.76 5.33 29.03
C ASN D 90 46.07 4.68 28.63
N TYR D 91 46.56 5.05 27.45
CA TYR D 91 47.81 4.51 26.90
C TYR D 91 48.49 5.59 26.08
N ARG D 92 49.82 5.51 25.96
CA ARG D 92 50.57 6.48 25.16
C ARG D 92 51.32 5.71 24.08
N THR D 93 51.25 6.20 22.84
CA THR D 93 51.95 5.53 21.75
C THR D 93 52.49 6.51 20.74
N SER E 4 7.13 -13.96 -4.89
CA SER E 4 6.81 -14.82 -6.03
C SER E 4 7.09 -16.29 -5.70
N SER E 5 6.24 -16.86 -4.84
CA SER E 5 6.40 -18.24 -4.38
C SER E 5 7.83 -18.44 -3.90
N VAL E 6 8.17 -17.69 -2.84
CA VAL E 6 9.56 -17.66 -2.35
C VAL E 6 10.07 -19.05 -1.99
N PRO E 7 9.32 -19.94 -1.35
CA PRO E 7 9.86 -21.29 -1.18
C PRO E 7 9.62 -22.06 -2.47
N THR E 8 10.65 -22.75 -2.94
CA THR E 8 10.58 -23.45 -4.21
C THR E 8 9.33 -24.34 -4.23
N LYS E 9 9.35 -25.43 -3.47
CA LYS E 9 8.25 -26.37 -3.41
C LYS E 9 8.05 -26.84 -1.97
N LEU E 10 6.83 -27.25 -1.66
CA LEU E 10 6.45 -27.72 -0.33
C LEU E 10 5.95 -29.15 -0.35
N GLU E 11 6.18 -29.88 0.74
CA GLU E 11 5.73 -31.26 0.89
C GLU E 11 5.23 -31.50 2.31
N VAL E 12 4.33 -32.47 2.46
CA VAL E 12 3.87 -32.97 3.75
C VAL E 12 4.50 -34.33 4.04
N VAL E 13 4.99 -34.51 5.27
CA VAL E 13 5.76 -35.70 5.64
C VAL E 13 5.16 -36.43 6.84
N ALA E 14 4.62 -35.70 7.82
CA ALA E 14 3.94 -36.30 8.97
C ALA E 14 2.68 -37.07 8.60
N ALA E 15 2.23 -37.88 9.56
CA ALA E 15 1.06 -38.74 9.51
C ALA E 15 0.58 -38.89 10.96
N THR E 16 -0.09 -37.85 11.46
CA THR E 16 -0.64 -37.86 12.81
C THR E 16 -2.06 -37.29 12.83
N PRO E 17 -2.88 -37.72 13.80
CA PRO E 17 -4.27 -37.20 13.87
C PRO E 17 -4.40 -35.78 14.38
N THR E 18 -3.50 -35.31 15.24
CA THR E 18 -3.63 -34.00 15.86
C THR E 18 -2.64 -32.96 15.34
N SER E 19 -1.70 -33.34 14.48
CA SER E 19 -0.64 -32.42 14.09
C SER E 19 -0.21 -32.65 12.64
N LEU E 20 0.72 -31.83 12.17
CA LEU E 20 1.28 -31.99 10.84
C LEU E 20 2.75 -31.57 10.87
N LEU E 21 3.51 -32.08 9.90
CA LEU E 21 4.91 -31.71 9.72
C LEU E 21 5.10 -31.35 8.25
N ILE E 22 5.56 -30.13 8.00
CA ILE E 22 5.69 -29.59 6.65
C ILE E 22 7.16 -29.34 6.34
N SER E 23 7.52 -29.50 5.07
CA SER E 23 8.89 -29.32 4.59
C SER E 23 8.90 -28.46 3.33
N TRP E 24 9.71 -27.41 3.33
CA TRP E 24 9.91 -26.58 2.14
C TRP E 24 11.38 -26.66 1.73
N ASP E 25 11.73 -25.88 0.71
CA ASP E 25 13.07 -25.90 0.15
C ASP E 25 13.63 -24.48 0.15
N ALA E 26 14.95 -24.40 0.25
CA ALA E 26 15.72 -23.19 0.55
C ALA E 26 15.98 -22.25 -0.63
N PRO E 27 15.22 -21.16 -0.73
CA PRO E 27 15.44 -20.22 -1.84
C PRO E 27 16.71 -19.42 -1.64
N ALA E 28 17.36 -19.08 -2.75
CA ALA E 28 18.60 -18.32 -2.78
C ALA E 28 18.45 -16.86 -2.38
N VAL E 29 17.23 -16.35 -2.15
CA VAL E 29 17.05 -14.95 -1.79
C VAL E 29 17.26 -14.76 -0.29
N THR E 30 17.42 -13.52 0.14
CA THR E 30 17.57 -13.21 1.56
C THR E 30 16.21 -13.33 2.25
N VAL E 31 16.14 -14.20 3.27
CA VAL E 31 14.92 -14.45 4.03
C VAL E 31 15.27 -14.32 5.52
N VAL E 32 14.63 -13.36 6.19
CA VAL E 32 14.91 -13.17 7.61
C VAL E 32 14.12 -14.15 8.46
N HIS E 33 12.89 -14.49 8.04
CA HIS E 33 12.10 -15.48 8.74
C HIS E 33 11.01 -16.00 7.81
N TYR E 34 10.41 -17.11 8.21
CA TYR E 34 9.24 -17.68 7.57
C TYR E 34 8.09 -17.68 8.56
N VAL E 35 6.88 -17.40 8.07
CA VAL E 35 5.66 -17.52 8.85
C VAL E 35 4.77 -18.59 8.23
N ILE E 36 4.25 -19.48 9.08
CA ILE E 36 3.40 -20.58 8.64
C ILE E 36 2.03 -20.43 9.28
N THR E 37 0.99 -20.46 8.43
CA THR E 37 -0.38 -20.29 8.88
C THR E 37 -1.14 -21.59 8.69
N TYR E 38 -1.88 -22.00 9.71
CA TYR E 38 -2.68 -23.21 9.68
C TYR E 38 -4.08 -22.90 10.18
N GLY E 39 -5.07 -23.05 9.29
CA GLY E 39 -6.45 -22.78 9.65
C GLY E 39 -7.42 -23.63 8.83
N GLU E 40 -8.63 -23.74 9.36
CA GLU E 40 -9.66 -24.53 8.71
C GLU E 40 -10.00 -23.97 7.33
N THR E 41 -10.10 -24.85 6.34
CA THR E 41 -10.35 -24.41 4.97
C THR E 41 -11.72 -23.75 4.90
N GLY E 42 -11.82 -22.71 4.08
CA GLY E 42 -13.04 -21.94 4.00
C GLY E 42 -13.18 -20.90 5.09
N GLY E 43 -12.31 -20.92 6.10
CA GLY E 43 -12.39 -19.95 7.18
C GLY E 43 -12.01 -18.58 6.69
N TYR E 44 -12.16 -17.60 7.59
CA TYR E 44 -11.92 -16.22 7.19
C TYR E 44 -10.46 -15.95 6.87
N SER E 45 -9.54 -16.70 7.48
CA SER E 45 -8.08 -16.58 7.42
C SER E 45 -7.57 -15.51 8.38
N GLY E 46 -8.45 -14.82 9.11
CA GLY E 46 -7.98 -13.90 10.13
C GLY E 46 -8.04 -14.55 11.50
N SER E 47 -7.93 -15.88 11.53
CA SER E 47 -7.90 -16.63 12.78
C SER E 47 -7.14 -17.93 12.59
N PHE E 48 -6.10 -17.91 11.78
CA PHE E 48 -5.30 -19.08 11.44
C PHE E 48 -4.11 -19.28 12.36
N GLN E 49 -3.94 -18.41 13.37
CA GLN E 49 -2.86 -18.52 14.34
C GLN E 49 -1.52 -18.72 13.65
N LYS E 50 -0.83 -17.62 13.35
CA LYS E 50 0.44 -17.71 12.67
C LYS E 50 1.54 -18.08 13.65
N PHE E 51 2.57 -18.76 13.15
CA PHE E 51 3.76 -18.99 13.95
C PHE E 51 4.99 -18.87 13.07
N LYS E 52 6.11 -18.55 13.71
CA LYS E 52 7.32 -18.07 13.06
C LYS E 52 8.39 -19.14 13.08
N VAL E 53 9.17 -19.20 12.00
CA VAL E 53 10.23 -20.18 11.80
C VAL E 53 11.47 -19.45 11.30
N PRO E 54 12.68 -19.81 11.73
CA PRO E 54 13.87 -19.10 11.27
C PRO E 54 14.09 -19.29 9.78
N GLY E 55 14.73 -18.29 9.16
CA GLY E 55 15.00 -18.34 7.73
C GLY E 55 15.95 -19.42 7.29
N SER E 56 16.79 -19.92 8.20
CA SER E 56 17.70 -21.01 7.84
C SER E 56 16.97 -22.33 7.71
N LYS E 57 15.92 -22.55 8.49
CA LYS E 57 15.25 -23.83 8.56
C LYS E 57 14.30 -24.02 7.37
N SER E 58 14.01 -25.28 7.07
CA SER E 58 13.09 -25.64 6.00
C SER E 58 11.95 -26.56 6.44
N THR E 59 11.74 -26.74 7.75
CA THR E 59 10.73 -27.66 8.25
C THR E 59 10.03 -27.05 9.45
N ALA E 60 8.80 -27.52 9.72
CA ALA E 60 8.06 -27.06 10.89
C ALA E 60 6.96 -28.02 11.26
N THR E 61 6.61 -28.04 12.55
CA THR E 61 5.57 -28.88 13.11
C THR E 61 4.40 -28.02 13.57
N ILE E 62 3.18 -28.43 13.22
CA ILE E 62 1.94 -27.80 13.65
C ILE E 62 1.31 -28.68 14.72
N SER E 63 0.53 -28.08 15.63
CA SER E 63 -0.07 -28.82 16.73
C SER E 63 -1.48 -28.29 16.99
N GLY E 64 -2.21 -29.03 17.83
CA GLY E 64 -3.55 -28.67 18.26
C GLY E 64 -4.66 -28.83 17.23
N LEU E 65 -4.39 -29.43 16.08
CA LEU E 65 -5.40 -29.53 15.04
C LEU E 65 -6.48 -30.55 15.37
N LYS E 66 -7.69 -30.28 14.91
CA LYS E 66 -8.78 -31.25 15.04
C LYS E 66 -8.71 -32.26 13.89
N PRO E 67 -8.84 -33.55 14.18
CA PRO E 67 -8.71 -34.56 13.12
C PRO E 67 -9.95 -34.57 12.23
N GLY E 68 -9.71 -34.80 10.94
CA GLY E 68 -10.76 -34.83 9.95
C GLY E 68 -11.22 -33.48 9.44
N VAL E 69 -10.48 -32.42 9.72
CA VAL E 69 -10.79 -31.08 9.26
C VAL E 69 -9.85 -30.74 8.12
N ASP E 70 -10.31 -29.91 7.19
CA ASP E 70 -9.46 -29.46 6.09
C ASP E 70 -8.73 -28.22 6.58
N TYR E 71 -7.42 -28.31 6.69
CA TYR E 71 -6.60 -27.23 7.20
C TYR E 71 -5.77 -26.65 6.06
N THR E 72 -5.58 -25.34 6.10
CA THR E 72 -4.75 -24.62 5.16
C THR E 72 -3.36 -24.41 5.73
N ILE E 73 -2.33 -24.84 5.00
CA ILE E 73 -0.96 -24.59 5.43
C ILE E 73 -0.33 -23.70 4.36
N THR E 74 0.16 -22.55 4.80
CA THR E 74 0.77 -21.55 3.93
C THR E 74 2.12 -21.18 4.50
N VAL E 75 3.12 -21.04 3.64
CA VAL E 75 4.45 -20.59 4.06
C VAL E 75 4.73 -19.24 3.40
N TYR E 76 5.02 -18.24 4.23
CA TYR E 76 5.45 -16.92 3.78
C TYR E 76 6.88 -16.70 4.23
N ALA E 77 7.71 -16.16 3.35
CA ALA E 77 9.07 -15.76 3.68
C ALA E 77 9.16 -14.24 3.66
N TYR E 78 9.86 -13.69 4.65
CA TYR E 78 9.91 -12.25 4.84
C TYR E 78 11.33 -11.75 4.60
N ASP E 79 11.43 -10.60 3.94
CA ASP E 79 12.64 -9.82 3.82
C ASP E 79 12.53 -8.58 4.71
N TRP E 80 13.49 -7.68 4.59
CA TRP E 80 13.40 -6.39 5.25
C TRP E 80 12.42 -5.53 4.47
N ASP E 81 11.45 -4.95 5.18
CA ASP E 81 10.47 -4.02 4.61
C ASP E 81 9.61 -4.68 3.53
N SER E 82 9.58 -6.01 3.47
CA SER E 82 8.87 -6.71 2.39
C SER E 82 8.50 -8.11 2.83
N MET E 83 7.56 -8.70 2.11
CA MET E 83 7.22 -10.11 2.22
C MET E 83 6.98 -10.67 0.81
N TYR E 84 7.70 -11.74 0.48
CA TYR E 84 7.53 -12.37 -0.82
C TYR E 84 6.18 -13.09 -0.90
N SER E 85 5.76 -13.42 -2.11
CA SER E 85 4.48 -14.10 -2.30
C SER E 85 4.53 -15.51 -1.72
N PRO E 86 3.46 -15.98 -1.10
CA PRO E 86 3.48 -17.29 -0.42
C PRO E 86 3.19 -18.45 -1.37
N ILE E 87 3.49 -19.64 -0.89
CA ILE E 87 3.07 -20.88 -1.54
C ILE E 87 2.33 -21.71 -0.49
N SER E 88 1.23 -22.33 -0.89
CA SER E 88 0.33 -22.98 0.05
C SER E 88 -0.14 -24.33 -0.46
N ILE E 89 -0.42 -25.24 0.48
CA ILE E 89 -0.98 -26.55 0.23
C ILE E 89 -2.05 -26.77 1.29
N ASN E 90 -2.99 -27.68 1.01
CA ASN E 90 -4.02 -28.05 1.97
C ASN E 90 -4.04 -29.56 2.17
N TYR E 91 -4.29 -30.00 3.40
CA TYR E 91 -4.29 -31.41 3.74
C TYR E 91 -5.42 -31.69 4.73
N ARG E 92 -5.85 -32.94 4.76
CA ARG E 92 -6.94 -33.41 5.61
C ARG E 92 -6.45 -34.50 6.54
N THR E 93 -6.94 -34.49 7.77
CA THR E 93 -6.53 -35.49 8.75
C THR E 93 -7.58 -36.61 8.79
N SER F 4 -28.93 -0.75 -39.46
CA SER F 4 -29.78 -0.06 -38.49
C SER F 4 -30.18 1.32 -39.01
N SER F 5 -29.79 1.63 -40.24
CA SER F 5 -30.07 2.92 -40.84
C SER F 5 -31.08 2.74 -41.95
N VAL F 6 -32.01 3.70 -42.07
CA VAL F 6 -33.03 3.59 -43.12
C VAL F 6 -32.41 3.49 -44.51
N PRO F 7 -31.40 4.29 -44.90
CA PRO F 7 -30.84 4.09 -46.23
C PRO F 7 -29.59 3.25 -46.27
N THR F 8 -29.51 2.28 -47.17
CA THR F 8 -28.27 1.53 -47.28
C THR F 8 -27.15 2.38 -47.84
N LYS F 9 -27.50 3.44 -48.58
CA LYS F 9 -26.54 4.28 -49.30
C LYS F 9 -26.94 5.74 -49.18
N LEU F 10 -26.09 6.56 -48.58
CA LEU F 10 -26.29 8.01 -48.58
C LEU F 10 -25.18 8.59 -49.44
N GLU F 11 -25.56 9.45 -50.38
CA GLU F 11 -24.62 9.96 -51.37
C GLU F 11 -24.96 11.40 -51.73
N VAL F 12 -23.97 12.10 -52.28
CA VAL F 12 -24.20 13.38 -52.94
C VAL F 12 -24.22 13.14 -54.44
N VAL F 13 -25.20 13.74 -55.13
CA VAL F 13 -25.45 13.38 -56.52
C VAL F 13 -25.28 14.59 -57.43
N ALA F 14 -25.62 15.78 -56.94
CA ALA F 14 -25.31 17.01 -57.66
C ALA F 14 -24.70 18.01 -56.68
N ALA F 15 -23.90 18.93 -57.21
CA ALA F 15 -23.17 19.85 -56.36
C ALA F 15 -22.86 21.14 -57.11
N THR F 16 -23.04 22.25 -56.42
CA THR F 16 -22.68 23.60 -56.83
C THR F 16 -21.97 24.22 -55.64
N PRO F 17 -21.16 25.27 -55.83
CA PRO F 17 -20.32 25.76 -54.73
C PRO F 17 -21.07 26.08 -53.45
N THR F 18 -22.34 26.47 -53.52
CA THR F 18 -23.07 26.77 -52.29
C THR F 18 -24.08 25.71 -51.92
N SER F 19 -24.34 24.70 -52.76
CA SER F 19 -25.38 23.75 -52.43
C SER F 19 -25.00 22.36 -52.92
N LEU F 20 -25.76 21.38 -52.45
CA LEU F 20 -25.55 19.99 -52.84
C LEU F 20 -26.89 19.25 -52.75
N LEU F 21 -26.95 18.10 -53.39
CA LEU F 21 -28.13 17.25 -53.38
C LEU F 21 -27.76 15.86 -52.91
N ILE F 22 -28.45 15.38 -51.90
CA ILE F 22 -28.15 14.09 -51.32
C ILE F 22 -29.27 13.14 -51.71
N SER F 23 -28.88 11.89 -51.99
CA SER F 23 -29.81 10.85 -52.40
C SER F 23 -29.50 9.61 -51.61
N TRP F 24 -30.53 9.04 -51.01
CA TRP F 24 -30.43 7.79 -50.28
C TRP F 24 -31.34 6.77 -50.94
N ASP F 25 -31.45 5.58 -50.34
CA ASP F 25 -32.15 4.47 -50.96
C ASP F 25 -33.30 4.03 -50.08
N ALA F 26 -34.50 3.98 -50.69
CA ALA F 26 -35.81 3.69 -50.11
C ALA F 26 -35.75 2.60 -49.06
N PRO F 27 -36.37 2.82 -47.91
CA PRO F 27 -36.28 1.87 -46.80
C PRO F 27 -37.14 0.63 -46.97
N ALA F 28 -36.60 -0.50 -46.51
CA ALA F 28 -37.44 -1.68 -46.34
C ALA F 28 -38.33 -1.52 -45.12
N VAL F 29 -37.93 -0.68 -44.17
CA VAL F 29 -38.68 -0.42 -42.95
C VAL F 29 -39.63 0.75 -43.16
N THR F 30 -40.59 0.88 -42.24
CA THR F 30 -41.52 2.00 -42.23
C THR F 30 -40.85 3.25 -41.66
N VAL F 31 -40.85 4.34 -42.42
CA VAL F 31 -40.25 5.60 -42.00
C VAL F 31 -41.26 6.71 -42.22
N VAL F 32 -41.65 7.40 -41.14
CA VAL F 32 -42.65 8.47 -41.30
C VAL F 32 -42.01 9.76 -41.78
N HIS F 33 -40.79 10.07 -41.34
CA HIS F 33 -40.09 11.24 -41.85
C HIS F 33 -38.60 11.07 -41.60
N TYR F 34 -37.83 11.93 -42.27
CA TYR F 34 -36.39 12.01 -42.09
C TYR F 34 -36.04 13.39 -41.55
N VAL F 35 -35.05 13.43 -40.66
CA VAL F 35 -34.45 14.68 -40.23
C VAL F 35 -33.01 14.69 -40.74
N ILE F 36 -32.62 15.77 -41.39
CA ILE F 36 -31.30 15.91 -41.99
C ILE F 36 -30.57 17.04 -41.32
N THR F 37 -29.37 16.74 -40.82
CA THR F 37 -28.54 17.70 -40.13
C THR F 37 -27.32 17.99 -40.99
N TYR F 38 -27.03 19.27 -41.17
CA TYR F 38 -25.88 19.70 -41.98
C TYR F 38 -25.09 20.73 -41.20
N GLY F 39 -23.82 20.44 -40.92
CA GLY F 39 -22.99 21.40 -40.23
C GLY F 39 -21.54 21.21 -40.63
N GLU F 40 -20.73 22.24 -40.38
CA GLU F 40 -19.30 22.10 -40.68
C GLU F 40 -18.70 21.00 -39.83
N THR F 41 -17.72 20.29 -40.39
CA THR F 41 -17.19 19.12 -39.70
C THR F 41 -16.52 19.51 -38.39
N GLY F 42 -16.73 18.68 -37.37
CA GLY F 42 -16.23 18.95 -36.04
C GLY F 42 -16.92 20.12 -35.36
N GLY F 43 -18.24 20.24 -35.51
CA GLY F 43 -19.01 21.30 -34.90
C GLY F 43 -19.76 20.77 -33.70
N TYR F 44 -20.42 21.69 -32.99
CA TYR F 44 -21.12 21.23 -31.79
C TYR F 44 -22.42 20.54 -32.15
N SER F 45 -22.87 19.69 -31.24
CA SER F 45 -24.11 18.93 -31.39
C SER F 45 -24.14 18.16 -32.71
N GLY F 46 -23.03 17.47 -32.99
CA GLY F 46 -22.99 16.65 -34.18
C GLY F 46 -23.15 17.45 -35.46
N SER F 47 -22.67 18.69 -35.48
CA SER F 47 -22.79 19.58 -36.64
C SER F 47 -24.24 20.05 -36.80
N PHE F 48 -24.79 20.58 -35.71
CA PHE F 48 -26.23 20.75 -35.62
C PHE F 48 -26.76 21.86 -36.52
N GLN F 49 -27.82 21.52 -37.26
CA GLN F 49 -28.64 22.34 -38.13
C GLN F 49 -29.62 21.42 -38.84
N LYS F 50 -30.79 21.25 -38.22
CA LYS F 50 -31.83 20.32 -38.62
C LYS F 50 -32.76 20.89 -39.69
N PHE F 51 -33.25 20.01 -40.57
CA PHE F 51 -34.41 20.29 -41.41
C PHE F 51 -35.13 18.98 -41.70
N LYS F 52 -36.44 19.06 -41.98
CA LYS F 52 -37.29 17.88 -42.05
C LYS F 52 -37.71 17.59 -43.47
N VAL F 53 -37.76 16.30 -43.83
CA VAL F 53 -38.17 15.88 -45.18
C VAL F 53 -39.13 14.70 -45.05
N PRO F 54 -40.15 14.64 -45.90
CA PRO F 54 -41.15 13.58 -45.78
C PRO F 54 -40.58 12.20 -46.07
N GLY F 55 -41.23 11.19 -45.47
CA GLY F 55 -40.83 9.81 -45.65
C GLY F 55 -40.95 9.32 -47.07
N SER F 56 -41.73 10.02 -47.90
CA SER F 56 -41.86 9.65 -49.30
C SER F 56 -40.59 9.94 -50.08
N LYS F 57 -39.87 11.00 -49.71
CA LYS F 57 -38.75 11.47 -50.51
C LYS F 57 -37.50 10.62 -50.25
N SER F 58 -36.63 10.59 -51.26
CA SER F 58 -35.34 9.93 -51.16
C SER F 58 -34.19 10.88 -51.50
N THR F 59 -34.48 12.17 -51.66
CA THR F 59 -33.48 13.17 -52.01
C THR F 59 -33.76 14.43 -51.20
N ALA F 60 -32.73 15.24 -51.04
CA ALA F 60 -32.90 16.53 -50.38
C ALA F 60 -31.76 17.45 -50.79
N THR F 61 -32.04 18.75 -50.85
CA THR F 61 -31.01 19.70 -51.24
C THR F 61 -30.62 20.54 -50.04
N ILE F 62 -29.33 20.64 -49.80
CA ILE F 62 -28.79 21.54 -48.80
C ILE F 62 -28.20 22.72 -49.54
N SER F 63 -28.32 23.91 -48.95
CA SER F 63 -27.94 25.13 -49.63
C SER F 63 -27.31 26.09 -48.64
N GLY F 64 -26.78 27.20 -49.18
CA GLY F 64 -26.17 28.21 -48.35
C GLY F 64 -24.80 27.85 -47.81
N LEU F 65 -24.23 26.74 -48.27
CA LEU F 65 -22.97 26.25 -47.73
C LEU F 65 -21.82 27.15 -48.17
N LYS F 66 -20.80 27.25 -47.32
CA LYS F 66 -19.59 27.99 -47.66
C LYS F 66 -18.67 27.13 -48.52
N PRO F 67 -18.12 27.67 -49.60
CA PRO F 67 -17.31 26.86 -50.50
C PRO F 67 -15.95 26.55 -49.89
N GLY F 68 -15.49 25.32 -50.10
CA GLY F 68 -14.23 24.90 -49.53
C GLY F 68 -14.28 24.52 -48.07
N VAL F 69 -15.46 24.36 -47.51
CA VAL F 69 -15.61 23.97 -46.12
C VAL F 69 -16.02 22.51 -46.07
N ASP F 70 -15.59 21.82 -45.03
CA ASP F 70 -15.91 20.41 -44.85
C ASP F 70 -17.19 20.29 -44.05
N TYR F 71 -18.23 19.72 -44.66
CA TYR F 71 -19.51 19.58 -44.02
C TYR F 71 -19.77 18.12 -43.70
N THR F 72 -20.29 17.88 -42.51
CA THR F 72 -20.84 16.60 -42.12
C THR F 72 -22.35 16.68 -42.30
N ILE F 73 -22.89 15.74 -43.07
CA ILE F 73 -24.30 15.62 -43.37
C ILE F 73 -24.79 14.30 -42.80
N THR F 74 -25.83 14.36 -41.97
CA THR F 74 -26.38 13.17 -41.34
C THR F 74 -27.87 13.08 -41.66
N VAL F 75 -28.31 11.86 -41.95
CA VAL F 75 -29.70 11.53 -42.20
C VAL F 75 -30.18 10.63 -41.06
N TYR F 76 -31.26 11.04 -40.40
CA TYR F 76 -31.92 10.28 -39.36
C TYR F 76 -33.32 9.91 -39.85
N ALA F 77 -33.73 8.68 -39.57
CA ALA F 77 -35.09 8.24 -39.85
C ALA F 77 -35.89 8.11 -38.58
N TYR F 78 -37.13 8.55 -38.61
CA TYR F 78 -37.96 8.54 -37.44
C TYR F 78 -39.14 7.60 -37.63
N ASP F 79 -39.53 6.96 -36.53
CA ASP F 79 -40.81 6.30 -36.41
C ASP F 79 -41.67 7.27 -35.60
N TRP F 80 -42.91 6.89 -35.26
CA TRP F 80 -43.68 7.85 -34.48
C TRP F 80 -43.21 7.94 -33.02
N ASP F 81 -42.47 6.94 -32.52
CA ASP F 81 -41.90 6.98 -31.18
C ASP F 81 -40.54 6.31 -31.11
N SER F 82 -39.81 6.24 -32.23
CA SER F 82 -38.51 5.59 -32.29
C SER F 82 -37.71 6.25 -33.41
N MET F 83 -36.39 6.09 -33.35
CA MET F 83 -35.55 6.60 -34.42
C MET F 83 -34.50 5.56 -34.76
N TYR F 84 -34.40 5.22 -36.04
CA TYR F 84 -33.34 4.31 -36.47
C TYR F 84 -31.99 5.01 -36.37
N SER F 85 -30.93 4.21 -36.41
CA SER F 85 -29.59 4.75 -36.34
C SER F 85 -29.29 5.56 -37.60
N PRO F 86 -28.53 6.64 -37.46
CA PRO F 86 -28.35 7.57 -38.58
C PRO F 86 -27.26 7.08 -39.54
N ILE F 87 -27.24 7.70 -40.71
CA ILE F 87 -26.17 7.51 -41.67
C ILE F 87 -25.58 8.87 -42.01
N SER F 88 -24.26 8.95 -42.05
CA SER F 88 -23.59 10.23 -42.16
C SER F 88 -22.49 10.17 -43.21
N ILE F 89 -22.27 11.30 -43.87
CA ILE F 89 -21.21 11.45 -44.86
C ILE F 89 -20.55 12.80 -44.61
N ASN F 90 -19.36 12.97 -45.18
CA ASN F 90 -18.66 14.24 -45.16
C ASN F 90 -18.42 14.64 -46.60
N TYR F 91 -18.56 15.94 -46.90
CA TYR F 91 -18.40 16.41 -48.26
C TYR F 91 -17.79 17.81 -48.22
N ARG F 92 -17.13 18.19 -49.30
CA ARG F 92 -16.55 19.53 -49.45
C ARG F 92 -17.16 20.17 -50.68
N THR F 93 -17.51 21.45 -50.55
CA THR F 93 -18.16 22.16 -51.64
C THR F 93 -17.29 23.26 -52.20
#